data_7ZGL
#
_entry.id   7ZGL
#
_cell.length_a   136.306
_cell.length_b   69.329
_cell.length_c   144.892
_cell.angle_alpha   90.000
_cell.angle_beta   94.410
_cell.angle_gamma   90.000
#
_symmetry.space_group_name_H-M   'C 1 2 1'
#
loop_
_entity.id
_entity.type
_entity.pdbx_description
1 polymer 'Steroid C26-monooxygenase'
2 non-polymer ~{N}-[4-(pyridin-4-ylmethyl)phenyl]benzenesulfonamide
3 non-polymer 'PROTOPORPHYRIN IX CONTAINING FE'
4 non-polymer 'CHLORIDE ION'
5 non-polymer 'DIMETHYL SULFOXIDE'
6 water water
#
_entity_poly.entity_id   1
_entity_poly.type   'polypeptide(L)'
_entity_poly.pdbx_seq_one_letter_code
;NGPSPNLPPGFDFTDPAIYAERLPVAEFAELRSAAPIWWNGQDPGKGGGFHDGGFWAITKLNDVKEISRHSDVFSSYENG
VIPRFKNDIAREDIEVQRFVMLNMDAPHHTRLRKIISRGFTPRAVGRLHDELQERAQKIAAEAAAAGSGDFVEQVSCELP
LQAIAGLLGVPQEDRGKLFHWSNEMTGNEDPEYAHIDPKASSAELIGYAMKMAEEKAKNPADDIVTQLIQADIDGEKLSD
DEFGFFVVMLAVAGNETTRNSITQGMMAFAEHPDQWELYKKVRPETAADEIVRWATPVTAFQRTALRDYELSGVQIKKGQ
RVVMFYRSANFDEEVFQDPFTFNILRNPNPHVGFGGTGAHYCIGANLARMTINLIFNAVADHMPDLKPISAPERLRSGWL
NGIKHWQVDYTGRCPVAH
;
_entity_poly.pdbx_strand_id   A,B,C
#
# COMPACT_ATOMS: atom_id res chain seq x y z
N PRO A 3 19.29 -22.73 -57.39
CA PRO A 3 19.98 -21.43 -57.45
C PRO A 3 19.55 -20.48 -56.34
N SER A 4 20.52 -19.76 -55.78
CA SER A 4 20.25 -18.84 -54.70
C SER A 4 19.35 -17.69 -55.17
N PRO A 5 18.55 -17.12 -54.26
CA PRO A 5 17.61 -16.08 -54.68
C PRO A 5 18.34 -14.80 -55.07
N ASN A 6 17.75 -14.07 -56.02
CA ASN A 6 18.33 -12.82 -56.51
C ASN A 6 17.98 -11.70 -55.55
N LEU A 7 18.79 -11.59 -54.50
CA LEU A 7 18.66 -10.56 -53.46
C LEU A 7 20.01 -9.92 -53.20
N PRO A 8 20.05 -8.67 -52.76
CA PRO A 8 21.32 -8.05 -52.45
C PRO A 8 22.00 -8.79 -51.32
N PRO A 9 23.33 -8.86 -51.33
CA PRO A 9 24.04 -9.51 -50.22
C PRO A 9 23.72 -8.83 -48.90
N GLY A 10 23.63 -9.63 -47.85
CA GLY A 10 23.31 -9.12 -46.52
C GLY A 10 21.92 -8.56 -46.36
N PHE A 11 21.03 -8.84 -47.29
CA PHE A 11 19.66 -8.31 -47.22
C PHE A 11 18.93 -8.91 -46.03
N ASP A 12 18.45 -8.05 -45.14
CA ASP A 12 17.67 -8.45 -43.97
C ASP A 12 16.22 -8.04 -44.18
N PHE A 13 15.32 -9.02 -44.22
CA PHE A 13 13.91 -8.74 -44.40
C PHE A 13 13.27 -8.07 -43.19
N THR A 14 13.99 -7.95 -42.06
CA THR A 14 13.49 -7.21 -40.90
C THR A 14 14.15 -5.84 -40.77
N ASP A 15 14.87 -5.41 -41.80
CA ASP A 15 15.56 -4.12 -41.76
C ASP A 15 14.58 -2.97 -41.68
N PRO A 16 14.60 -2.15 -40.64
CA PRO A 16 13.66 -1.03 -40.57
C PRO A 16 13.90 -0.01 -41.67
N ALA A 17 15.12 0.11 -42.18
CA ALA A 17 15.37 1.06 -43.26
C ALA A 17 14.54 0.73 -44.49
N ILE A 18 14.26 -0.55 -44.72
CA ILE A 18 13.43 -0.95 -45.87
C ILE A 18 12.02 -0.41 -45.71
N TYR A 19 11.39 -0.70 -44.57
CA TYR A 19 9.99 -0.38 -44.37
C TYR A 19 9.75 1.10 -44.19
N ALA A 20 10.77 1.87 -43.81
CA ALA A 20 10.65 3.32 -43.78
C ALA A 20 10.36 3.90 -45.17
N GLU A 21 10.70 3.16 -46.23
CA GLU A 21 10.57 3.65 -47.60
C GLU A 21 9.53 2.89 -48.43
N ARG A 22 9.40 1.59 -48.22
CA ARG A 22 8.58 0.76 -49.09
C ARG A 22 8.35 -0.59 -48.43
N LEU A 23 7.46 -1.36 -49.03
CA LEU A 23 7.34 -2.78 -48.70
C LEU A 23 8.14 -3.59 -49.69
N PRO A 24 9.03 -4.46 -49.25
CA PRO A 24 9.86 -5.22 -50.20
C PRO A 24 9.07 -6.34 -50.86
N VAL A 25 8.16 -5.95 -51.75
CA VAL A 25 7.24 -6.91 -52.37
C VAL A 25 7.99 -7.79 -53.36
N ALA A 26 8.88 -7.21 -54.16
CA ALA A 26 9.63 -8.02 -55.11
C ALA A 26 10.53 -9.02 -54.40
N GLU A 27 11.26 -8.58 -53.37
CA GLU A 27 12.16 -9.49 -52.69
C GLU A 27 11.41 -10.65 -52.05
N PHE A 28 10.19 -10.39 -51.55
CA PHE A 28 9.37 -11.46 -51.02
C PHE A 28 8.96 -12.44 -52.11
N ALA A 29 8.53 -11.91 -53.26
CA ALA A 29 8.17 -12.76 -54.39
C ALA A 29 9.36 -13.58 -54.86
N GLU A 30 10.57 -13.03 -54.74
CA GLU A 30 11.79 -13.76 -55.11
C GLU A 30 11.95 -15.01 -54.27
N LEU A 31 11.86 -14.86 -52.94
CA LEU A 31 11.97 -16.01 -52.06
C LEU A 31 10.89 -17.04 -52.36
N ARG A 32 9.64 -16.58 -52.51
CA ARG A 32 8.55 -17.51 -52.77
C ARG A 32 8.85 -18.42 -53.96
N SER A 33 9.49 -17.87 -54.99
CA SER A 33 9.78 -18.63 -56.20
C SER A 33 11.10 -19.40 -56.13
N ALA A 34 12.16 -18.78 -55.61
CA ALA A 34 13.51 -19.35 -55.64
C ALA A 34 13.91 -20.07 -54.36
N ALA A 35 13.44 -19.63 -53.19
CA ALA A 35 13.81 -20.24 -51.91
C ALA A 35 12.74 -19.94 -50.87
N PRO A 36 11.61 -20.65 -50.90
CA PRO A 36 10.46 -20.22 -50.08
C PRO A 36 10.73 -20.29 -48.58
N ILE A 37 11.73 -21.07 -48.15
CA ILE A 37 12.27 -21.03 -46.80
C ILE A 37 13.76 -20.73 -46.94
N TRP A 38 14.20 -19.59 -46.43
CA TRP A 38 15.52 -19.06 -46.75
C TRP A 38 16.19 -18.51 -45.50
N TRP A 39 17.43 -18.89 -45.28
CA TRP A 39 18.16 -18.41 -44.12
C TRP A 39 18.48 -16.94 -44.29
N ASN A 40 17.96 -16.12 -43.40
CA ASN A 40 18.22 -14.68 -43.42
C ASN A 40 19.38 -14.42 -42.46
N GLY A 41 20.59 -14.38 -43.00
CA GLY A 41 21.76 -14.17 -42.16
C GLY A 41 21.78 -12.76 -41.59
N GLN A 42 22.25 -12.64 -40.35
CA GLN A 42 22.35 -11.35 -39.69
C GLN A 42 23.75 -11.20 -39.12
N ASP A 43 24.43 -10.14 -39.51
CA ASP A 43 25.78 -9.89 -39.03
C ASP A 43 25.76 -9.59 -37.53
N PRO A 44 26.89 -9.73 -36.85
CA PRO A 44 26.95 -9.44 -35.41
C PRO A 44 26.48 -8.02 -35.11
N GLY A 45 25.66 -7.90 -34.06
CA GLY A 45 25.12 -6.61 -33.67
C GLY A 45 24.14 -6.01 -34.64
N LYS A 46 23.54 -6.80 -35.52
CA LYS A 46 22.59 -6.29 -36.51
C LYS A 46 21.35 -7.16 -36.55
N GLY A 47 21.05 -7.84 -35.45
CA GLY A 47 19.97 -8.79 -35.42
C GLY A 47 18.73 -8.30 -34.70
N GLY A 48 18.63 -7.00 -34.50
CA GLY A 48 17.44 -6.41 -33.88
C GLY A 48 17.21 -6.85 -32.45
N GLY A 49 18.29 -7.17 -31.72
CA GLY A 49 18.16 -7.62 -30.36
C GLY A 49 18.39 -9.11 -30.17
N PHE A 50 18.60 -9.85 -31.25
CA PHE A 50 18.83 -11.28 -31.20
C PHE A 50 20.19 -11.56 -31.83
N HIS A 51 21.02 -12.31 -31.10
CA HIS A 51 22.40 -12.48 -31.46
C HIS A 51 22.70 -13.94 -31.73
N ASP A 52 21.92 -14.54 -32.63
CA ASP A 52 22.02 -15.96 -32.93
C ASP A 52 22.47 -16.23 -34.36
N GLY A 53 22.77 -15.20 -35.14
CA GLY A 53 23.30 -15.36 -36.46
C GLY A 53 22.31 -15.13 -37.58
N GLY A 54 21.02 -15.21 -37.30
CA GLY A 54 20.01 -15.04 -38.32
C GLY A 54 18.75 -15.80 -37.95
N PHE A 55 17.96 -16.07 -38.99
CA PHE A 55 16.68 -16.73 -38.81
C PHE A 55 16.22 -17.27 -40.15
N TRP A 56 15.24 -18.17 -40.08
CA TRP A 56 14.60 -18.72 -41.27
C TRP A 56 13.45 -17.81 -41.70
N ALA A 57 13.53 -17.28 -42.92
CA ALA A 57 12.45 -16.50 -43.50
C ALA A 57 11.37 -17.43 -44.03
N ILE A 58 10.15 -17.29 -43.49
CA ILE A 58 9.01 -18.11 -43.90
C ILE A 58 8.11 -17.26 -44.78
N THR A 59 7.95 -17.65 -46.03
CA THR A 59 7.27 -16.81 -47.01
C THR A 59 6.05 -17.44 -47.65
N LYS A 60 5.76 -18.71 -47.39
CA LYS A 60 4.60 -19.39 -47.94
C LYS A 60 3.48 -19.47 -46.89
N LEU A 61 2.24 -19.26 -47.34
CA LEU A 61 1.14 -19.27 -46.40
C LEU A 61 0.99 -20.62 -45.71
N ASN A 62 1.19 -21.72 -46.45
CA ASN A 62 1.05 -23.05 -45.85
C ASN A 62 2.10 -23.30 -44.77
N ASP A 63 3.33 -22.84 -44.98
CA ASP A 63 4.34 -22.93 -43.93
C ASP A 63 3.99 -22.02 -42.75
N VAL A 64 3.43 -20.84 -43.02
CA VAL A 64 3.01 -19.94 -41.95
C VAL A 64 1.94 -20.60 -41.07
N LYS A 65 0.97 -21.28 -41.70
CA LYS A 65 -0.09 -21.94 -40.94
C LYS A 65 0.44 -23.15 -40.19
N GLU A 66 1.39 -23.88 -40.77
CA GLU A 66 1.95 -25.04 -40.08
C GLU A 66 2.69 -24.63 -38.82
N ILE A 67 3.50 -23.57 -38.88
CA ILE A 67 4.18 -23.08 -37.70
C ILE A 67 3.19 -22.64 -36.63
N SER A 68 2.12 -21.96 -37.03
CA SER A 68 1.14 -21.50 -36.04
C SER A 68 0.38 -22.66 -35.41
N ARG A 69 0.12 -23.73 -36.15
CA ARG A 69 -0.57 -24.87 -35.57
C ARG A 69 0.34 -25.64 -34.61
N HIS A 70 1.60 -25.86 -34.99
CA HIS A 70 2.55 -26.60 -34.14
C HIS A 70 3.19 -25.68 -33.10
N SER A 71 2.34 -25.15 -32.21
CA SER A 71 2.84 -24.35 -31.09
C SER A 71 3.64 -25.19 -30.11
N ASP A 72 3.41 -26.51 -30.08
CA ASP A 72 4.20 -27.37 -29.22
C ASP A 72 5.68 -27.30 -29.57
N VAL A 73 6.01 -27.14 -30.84
CA VAL A 73 7.39 -27.08 -31.29
C VAL A 73 7.89 -25.65 -31.43
N PHE A 74 7.09 -24.76 -32.00
CA PHE A 74 7.53 -23.42 -32.32
C PHE A 74 7.06 -22.49 -31.21
N SER A 75 8.00 -21.98 -30.44
CA SER A 75 7.71 -21.32 -29.17
C SER A 75 7.56 -19.83 -29.35
N SER A 76 6.51 -19.27 -28.77
CA SER A 76 6.39 -17.83 -28.67
C SER A 76 7.18 -17.28 -27.48
N TYR A 77 7.43 -18.12 -26.47
CA TYR A 77 8.01 -17.68 -25.21
C TYR A 77 9.53 -17.54 -25.28
N GLU A 78 10.20 -18.38 -26.07
CA GLU A 78 11.65 -18.49 -25.99
C GLU A 78 12.33 -17.18 -26.34
N ASN A 79 11.81 -16.47 -27.34
CA ASN A 79 12.39 -15.22 -27.77
C ASN A 79 11.33 -14.14 -27.97
N GLY A 80 10.09 -14.37 -27.57
CA GLY A 80 9.03 -13.44 -27.89
C GLY A 80 8.66 -13.54 -29.35
N VAL A 81 7.59 -12.87 -29.77
CA VAL A 81 7.14 -12.96 -31.15
C VAL A 81 7.61 -11.77 -32.00
N ILE A 82 8.00 -10.66 -31.39
CA ILE A 82 8.50 -9.52 -32.18
C ILE A 82 9.89 -9.85 -32.71
N PRO A 83 10.16 -9.69 -34.01
CA PRO A 83 11.47 -10.09 -34.56
C PRO A 83 12.50 -8.97 -34.70
N ARG A 84 12.21 -7.76 -34.20
CA ARG A 84 13.14 -6.65 -34.40
C ARG A 84 12.87 -5.57 -33.37
N PHE A 85 13.90 -5.22 -32.61
CA PHE A 85 13.97 -4.03 -31.77
C PHE A 85 15.22 -3.25 -32.17
N LYS A 86 15.56 -2.24 -31.37
CA LYS A 86 16.87 -1.61 -31.52
C LYS A 86 17.97 -2.65 -31.36
N ASN A 87 19.04 -2.51 -32.15
CA ASN A 87 20.10 -3.49 -32.11
C ASN A 87 20.70 -3.66 -30.72
N ASP A 88 20.60 -2.65 -29.86
CA ASP A 88 21.27 -2.66 -28.57
C ASP A 88 20.32 -2.91 -27.40
N ILE A 89 19.11 -3.40 -27.68
CA ILE A 89 18.16 -3.64 -26.60
C ILE A 89 18.72 -4.70 -25.66
N ALA A 90 18.53 -4.49 -24.37
CA ALA A 90 18.96 -5.45 -23.38
C ALA A 90 18.07 -6.69 -23.41
N ARG A 91 18.69 -7.85 -23.27
CA ARG A 91 17.94 -9.10 -23.28
C ARG A 91 16.82 -9.08 -22.25
N GLU A 92 17.05 -8.44 -21.09
CA GLU A 92 16.01 -8.40 -20.07
C GLU A 92 14.76 -7.68 -20.57
N ASP A 93 14.92 -6.66 -21.43
CA ASP A 93 13.75 -5.96 -21.96
C ASP A 93 13.02 -6.80 -22.99
N ILE A 94 13.71 -7.73 -23.63
CA ILE A 94 13.02 -8.71 -24.46
C ILE A 94 12.22 -9.67 -23.59
N GLU A 95 12.82 -10.13 -22.48
CA GLU A 95 12.20 -11.17 -21.67
C GLU A 95 11.06 -10.67 -20.79
N VAL A 96 11.01 -9.37 -20.52
CA VAL A 96 9.89 -8.83 -19.74
C VAL A 96 8.58 -8.94 -20.50
N GLN A 97 8.64 -9.04 -21.83
CA GLN A 97 7.44 -9.24 -22.63
C GLN A 97 6.79 -10.59 -22.41
N ARG A 98 7.48 -11.53 -21.76
CA ARG A 98 6.89 -12.83 -21.47
C ARG A 98 5.75 -12.73 -20.47
N PHE A 99 5.51 -11.56 -19.89
CA PHE A 99 4.39 -11.39 -18.98
C PHE A 99 3.07 -11.12 -19.70
N VAL A 100 3.08 -10.88 -21.02
CA VAL A 100 1.83 -10.73 -21.76
C VAL A 100 1.51 -12.03 -22.48
N MET A 101 0.21 -12.29 -22.65
CA MET A 101 -0.28 -13.56 -23.19
C MET A 101 0.35 -13.91 -24.53
N LEU A 102 0.61 -12.90 -25.36
CA LEU A 102 1.09 -13.17 -26.72
C LEU A 102 2.45 -13.86 -26.73
N ASN A 103 3.31 -13.57 -25.74
CA ASN A 103 4.65 -14.12 -25.71
C ASN A 103 4.76 -15.35 -24.80
N MET A 104 3.65 -16.06 -24.62
CA MET A 104 3.61 -17.18 -23.68
C MET A 104 3.33 -18.48 -24.42
N ASP A 105 3.77 -19.58 -23.81
CA ASP A 105 3.48 -20.92 -24.29
C ASP A 105 2.54 -21.61 -23.31
N ALA A 106 2.01 -22.75 -23.74
CA ALA A 106 1.21 -23.59 -22.87
C ALA A 106 2.08 -24.17 -21.75
N PRO A 107 1.51 -24.40 -20.56
CA PRO A 107 0.11 -24.20 -20.16
C PRO A 107 -0.22 -22.78 -19.70
N HIS A 108 0.80 -21.95 -19.45
CA HIS A 108 0.55 -20.59 -18.99
C HIS A 108 -0.33 -19.83 -19.97
N HIS A 109 0.01 -19.88 -21.27
CA HIS A 109 -0.84 -19.18 -22.24
C HIS A 109 -2.23 -19.79 -22.32
N THR A 110 -2.34 -21.11 -22.13
CA THR A 110 -3.66 -21.75 -22.20
C THR A 110 -4.58 -21.25 -21.09
N ARG A 111 -4.04 -21.03 -19.90
CA ARG A 111 -4.86 -20.53 -18.81
C ARG A 111 -5.31 -19.10 -19.08
N LEU A 112 -4.37 -18.23 -19.51
CA LEU A 112 -4.72 -16.83 -19.75
C LEU A 112 -5.72 -16.69 -20.88
N ARG A 113 -5.54 -17.44 -21.97
CA ARG A 113 -6.43 -17.35 -23.11
C ARG A 113 -7.85 -17.75 -22.74
N LYS A 114 -8.02 -18.71 -21.84
CA LYS A 114 -9.35 -19.12 -21.43
C LYS A 114 -10.03 -18.03 -20.61
N ILE A 115 -9.29 -17.39 -19.69
CA ILE A 115 -9.86 -16.31 -18.90
C ILE A 115 -10.15 -15.11 -19.78
N ILE A 116 -9.24 -14.81 -20.72
CA ILE A 116 -9.39 -13.65 -21.57
C ILE A 116 -10.56 -13.83 -22.53
N SER A 117 -10.83 -15.07 -22.92
CA SER A 117 -11.95 -15.38 -23.81
C SER A 117 -13.30 -14.93 -23.22
N ARG A 118 -13.38 -14.75 -21.90
CA ARG A 118 -14.60 -14.23 -21.30
C ARG A 118 -14.87 -12.78 -21.66
N GLY A 119 -13.86 -12.06 -22.16
CA GLY A 119 -14.04 -10.66 -22.47
C GLY A 119 -14.01 -10.37 -23.95
N PHE A 120 -13.87 -11.41 -24.76
CA PHE A 120 -13.89 -11.25 -26.21
C PHE A 120 -14.96 -12.12 -26.83
N THR A 121 -16.03 -12.34 -26.09
CA THR A 121 -17.15 -13.08 -26.65
C THR A 121 -17.73 -12.29 -27.82
N PRO A 122 -18.39 -12.98 -28.75
CA PRO A 122 -19.19 -12.26 -29.75
C PRO A 122 -20.14 -11.25 -29.13
N ARG A 123 -20.76 -11.57 -28.00
CA ARG A 123 -21.70 -10.64 -27.37
C ARG A 123 -20.98 -9.38 -26.91
N ALA A 124 -19.86 -9.53 -26.18
CA ALA A 124 -19.14 -8.37 -25.66
C ALA A 124 -18.72 -7.44 -26.79
N VAL A 125 -18.09 -7.99 -27.84
CA VAL A 125 -17.68 -7.17 -28.98
C VAL A 125 -18.89 -6.52 -29.63
N GLY A 126 -19.96 -7.30 -29.84
CA GLY A 126 -21.13 -6.77 -30.52
C GLY A 126 -21.85 -5.68 -29.75
N ARG A 127 -21.68 -5.64 -28.42
CA ARG A 127 -22.32 -4.59 -27.63
C ARG A 127 -21.72 -3.21 -27.92
N LEU A 128 -20.54 -3.17 -28.54
CA LEU A 128 -19.89 -1.91 -28.90
C LEU A 128 -20.30 -1.42 -30.28
N HIS A 129 -21.13 -2.17 -30.99
CA HIS A 129 -21.39 -1.83 -32.39
C HIS A 129 -22.05 -0.47 -32.53
N ASP A 130 -23.06 -0.18 -31.71
CA ASP A 130 -23.82 1.04 -31.87
C ASP A 130 -23.01 2.26 -31.49
N GLU A 131 -22.27 2.19 -30.37
CA GLU A 131 -21.46 3.32 -29.97
C GLU A 131 -20.30 3.55 -30.94
N LEU A 132 -19.77 2.48 -31.55
CA LEU A 132 -18.67 2.66 -32.49
C LEU A 132 -19.18 3.15 -33.84
N GLN A 133 -20.37 2.71 -34.24
CA GLN A 133 -20.97 3.22 -35.47
C GLN A 133 -21.28 4.69 -35.35
N GLU A 134 -21.84 5.10 -34.21
CA GLU A 134 -22.09 6.51 -33.97
C GLU A 134 -20.79 7.31 -34.02
N ARG A 135 -19.75 6.82 -33.36
CA ARG A 135 -18.50 7.58 -33.32
C ARG A 135 -17.78 7.56 -34.66
N ALA A 136 -17.96 6.48 -35.44
CA ALA A 136 -17.39 6.47 -36.79
C ALA A 136 -17.99 7.56 -37.65
N GLN A 137 -19.31 7.72 -37.58
CA GLN A 137 -19.98 8.77 -38.35
C GLN A 137 -19.53 10.15 -37.92
N LYS A 138 -19.39 10.36 -36.61
CA LYS A 138 -18.96 11.66 -36.12
C LYS A 138 -17.54 11.97 -36.56
N ILE A 139 -16.68 10.95 -36.62
CA ILE A 139 -15.30 11.16 -37.01
C ILE A 139 -15.20 11.52 -38.49
N ALA A 140 -15.96 10.82 -39.34
CA ALA A 140 -15.94 11.13 -40.76
C ALA A 140 -16.48 12.52 -41.05
N ALA A 141 -17.57 12.89 -40.38
CA ALA A 141 -18.15 14.21 -40.59
C ALA A 141 -17.22 15.31 -40.10
N GLU A 142 -16.63 15.14 -38.92
CA GLU A 142 -15.67 16.12 -38.42
C GLU A 142 -14.52 16.30 -39.40
N ALA A 143 -14.01 15.21 -39.97
CA ALA A 143 -12.91 15.30 -40.93
C ALA A 143 -13.36 15.96 -42.22
N ALA A 144 -14.54 15.59 -42.72
CA ALA A 144 -15.03 16.16 -43.97
C ALA A 144 -15.28 17.67 -43.84
N ALA A 145 -15.68 18.13 -42.65
CA ALA A 145 -15.86 19.57 -42.44
C ALA A 145 -14.54 20.33 -42.53
N ALA A 146 -13.43 19.67 -42.19
CA ALA A 146 -12.12 20.30 -42.26
C ALA A 146 -11.60 20.41 -43.69
N GLY A 147 -12.34 19.92 -44.68
CA GLY A 147 -11.92 20.00 -46.07
C GLY A 147 -10.79 19.06 -46.43
N SER A 148 -9.59 19.35 -45.93
CA SER A 148 -8.43 18.51 -46.19
C SER A 148 -7.67 18.30 -44.89
N GLY A 149 -6.72 17.38 -44.92
CA GLY A 149 -5.92 17.14 -43.73
C GLY A 149 -5.30 15.75 -43.76
N ASP A 150 -4.83 15.34 -42.58
CA ASP A 150 -4.10 14.10 -42.40
C ASP A 150 -5.09 12.96 -42.18
N PHE A 151 -5.27 12.12 -43.20
CA PHE A 151 -6.21 11.00 -43.10
C PHE A 151 -5.82 10.06 -41.97
N VAL A 152 -4.52 9.91 -41.69
CA VAL A 152 -4.10 9.03 -40.61
C VAL A 152 -4.64 9.54 -39.29
N GLU A 153 -4.41 10.82 -39.00
CA GLU A 153 -4.79 11.37 -37.71
C GLU A 153 -6.28 11.70 -37.63
N GLN A 154 -6.88 12.14 -38.75
CA GLN A 154 -8.25 12.62 -38.69
C GLN A 154 -9.30 11.56 -39.01
N VAL A 155 -8.91 10.39 -39.51
CA VAL A 155 -9.87 9.35 -39.87
C VAL A 155 -9.53 8.01 -39.23
N SER A 156 -8.27 7.60 -39.31
CA SER A 156 -7.88 6.24 -38.94
C SER A 156 -7.58 6.07 -37.44
N CYS A 157 -7.16 7.14 -36.76
CA CYS A 157 -6.61 6.98 -35.42
C CYS A 157 -7.67 6.70 -34.37
N GLU A 158 -8.77 7.45 -34.39
CA GLU A 158 -9.61 7.52 -33.19
C GLU A 158 -10.41 6.24 -32.97
N LEU A 159 -11.08 5.74 -34.02
CA LEU A 159 -12.02 4.64 -33.81
C LEU A 159 -11.38 3.40 -33.20
N PRO A 160 -10.22 2.90 -33.65
CA PRO A 160 -9.66 1.71 -33.00
C PRO A 160 -9.37 1.95 -31.54
N LEU A 161 -8.96 3.17 -31.20
CA LEU A 161 -8.66 3.49 -29.83
C LEU A 161 -9.93 3.56 -28.98
N GLN A 162 -11.00 4.16 -29.52
CA GLN A 162 -12.27 4.16 -28.80
C GLN A 162 -12.85 2.75 -28.66
N ALA A 163 -12.49 1.82 -29.55
CA ALA A 163 -12.91 0.44 -29.38
C ALA A 163 -12.30 -0.16 -28.11
N ILE A 164 -11.01 0.10 -27.85
CA ILE A 164 -10.37 -0.41 -26.64
C ILE A 164 -11.00 0.20 -25.40
N ALA A 165 -11.12 1.53 -25.37
CA ALA A 165 -11.74 2.20 -24.23
C ALA A 165 -13.15 1.68 -23.97
N GLY A 166 -13.95 1.52 -25.03
CA GLY A 166 -15.27 0.94 -24.86
C GLY A 166 -15.22 -0.48 -24.33
N LEU A 167 -14.31 -1.29 -24.88
CA LEU A 167 -14.19 -2.68 -24.44
C LEU A 167 -13.79 -2.74 -22.97
N LEU A 168 -12.85 -1.89 -22.55
CA LEU A 168 -12.32 -1.91 -21.20
C LEU A 168 -13.16 -1.13 -20.20
N GLY A 169 -14.11 -0.32 -20.66
CA GLY A 169 -14.90 0.46 -19.74
C GLY A 169 -14.14 1.65 -19.19
N VAL A 170 -13.28 2.24 -20.00
CA VAL A 170 -12.49 3.39 -19.55
C VAL A 170 -13.35 4.64 -19.62
N PRO A 171 -13.46 5.41 -18.54
CA PRO A 171 -14.29 6.62 -18.57
C PRO A 171 -13.75 7.63 -19.57
N GLN A 172 -14.65 8.46 -20.10
CA GLN A 172 -14.29 9.38 -21.17
C GLN A 172 -13.12 10.29 -20.77
N GLU A 173 -13.08 10.70 -19.51
CA GLU A 173 -12.03 11.60 -19.05
C GLU A 173 -10.67 10.93 -18.97
N ASP A 174 -10.60 9.60 -19.13
CA ASP A 174 -9.34 8.87 -19.09
C ASP A 174 -8.87 8.41 -20.45
N ARG A 175 -9.67 8.60 -21.51
CA ARG A 175 -9.31 8.03 -22.80
C ARG A 175 -8.10 8.73 -23.41
N GLY A 176 -7.96 10.03 -23.19
CA GLY A 176 -6.75 10.71 -23.65
C GLY A 176 -5.51 10.21 -22.92
N LYS A 177 -5.64 9.94 -21.62
CA LYS A 177 -4.58 9.28 -20.87
C LYS A 177 -4.21 7.95 -21.51
N LEU A 178 -5.23 7.13 -21.83
CA LEU A 178 -4.99 5.80 -22.37
C LEU A 178 -4.44 5.86 -23.79
N PHE A 179 -4.99 6.74 -24.64
CA PHE A 179 -4.53 6.80 -26.03
C PHE A 179 -3.07 7.23 -26.09
N HIS A 180 -2.66 8.11 -25.17
CA HIS A 180 -1.26 8.51 -25.12
C HIS A 180 -0.38 7.34 -24.72
N TRP A 181 -0.73 6.64 -23.64
CA TRP A 181 0.05 5.47 -23.24
C TRP A 181 0.17 4.46 -24.36
N SER A 182 -0.93 4.19 -25.07
CA SER A 182 -0.87 3.23 -26.16
C SER A 182 0.06 3.70 -27.28
N ASN A 183 0.01 4.99 -27.62
CA ASN A 183 0.87 5.48 -28.69
C ASN A 183 2.32 5.55 -28.27
N GLU A 184 2.62 5.47 -26.99
CA GLU A 184 3.98 5.58 -26.50
C GLU A 184 4.73 4.26 -26.53
N MET A 185 4.20 3.23 -27.22
CA MET A 185 4.79 1.91 -27.12
C MET A 185 5.28 1.33 -28.43
N THR A 186 4.93 1.91 -29.57
CA THR A 186 5.36 1.41 -30.86
C THR A 186 6.02 2.53 -31.65
N GLY A 187 6.98 2.15 -32.48
CA GLY A 187 7.62 3.09 -33.38
C GLY A 187 8.85 3.78 -32.84
N ASN A 188 9.43 3.29 -31.76
CA ASN A 188 10.55 3.99 -31.15
C ASN A 188 11.81 3.99 -32.01
N GLU A 189 11.82 3.24 -33.12
CA GLU A 189 12.95 3.26 -34.05
C GLU A 189 12.78 4.28 -35.17
N ASP A 190 11.65 4.96 -35.22
CA ASP A 190 11.42 6.04 -36.17
C ASP A 190 11.88 7.36 -35.57
N PRO A 191 12.46 8.27 -36.35
CA PRO A 191 12.94 9.54 -35.76
C PRO A 191 11.82 10.39 -35.20
N GLU A 192 10.59 10.25 -35.74
CA GLU A 192 9.47 11.05 -35.28
C GLU A 192 9.06 10.65 -33.86
N TYR A 193 9.36 9.41 -33.47
CA TYR A 193 8.96 8.88 -32.16
C TYR A 193 10.17 8.54 -31.31
N ALA A 194 11.33 9.11 -31.63
CA ALA A 194 12.57 8.71 -30.98
C ALA A 194 12.55 8.94 -29.48
N HIS A 195 11.64 9.76 -28.98
CA HIS A 195 11.62 10.15 -27.58
C HIS A 195 10.59 9.39 -26.76
N ILE A 196 9.78 8.53 -27.39
CA ILE A 196 8.83 7.74 -26.62
C ILE A 196 9.59 6.70 -25.79
N ASP A 197 8.98 6.31 -24.67
CA ASP A 197 9.58 5.38 -23.71
C ASP A 197 8.57 4.29 -23.45
N PRO A 198 8.61 3.18 -24.20
CA PRO A 198 7.61 2.13 -24.01
C PRO A 198 7.65 1.51 -22.63
N LYS A 199 8.84 1.32 -22.08
CA LYS A 199 8.95 0.72 -20.75
C LYS A 199 8.27 1.58 -19.70
N ALA A 200 8.50 2.89 -19.74
CA ALA A 200 7.87 3.78 -18.78
C ALA A 200 6.37 3.88 -19.02
N SER A 201 5.96 3.89 -20.28
CA SER A 201 4.53 3.92 -20.58
C SER A 201 3.85 2.61 -20.15
N SER A 202 4.54 1.48 -20.29
CA SER A 202 3.96 0.22 -19.84
C SER A 202 3.77 0.20 -18.33
N ALA A 203 4.71 0.79 -17.59
CA ALA A 203 4.63 0.81 -16.13
C ALA A 203 3.46 1.66 -15.65
N GLU A 204 3.25 2.82 -16.27
CA GLU A 204 2.13 3.65 -15.88
C GLU A 204 0.81 3.00 -16.27
N LEU A 205 0.77 2.29 -17.39
CA LEU A 205 -0.46 1.64 -17.80
C LEU A 205 -0.81 0.49 -16.86
N ILE A 206 0.20 -0.25 -16.39
CA ILE A 206 -0.05 -1.34 -15.44
C ILE A 206 -0.62 -0.78 -14.14
N GLY A 207 0.01 0.28 -13.62
CA GLY A 207 -0.47 0.87 -12.39
C GLY A 207 -1.88 1.39 -12.51
N TYR A 208 -2.19 2.04 -13.64
CA TYR A 208 -3.55 2.49 -13.87
C TYR A 208 -4.50 1.31 -14.01
N ALA A 209 -4.04 0.23 -14.65
CA ALA A 209 -4.89 -0.93 -14.84
C ALA A 209 -5.14 -1.66 -13.53
N MET A 210 -4.17 -1.66 -12.62
CA MET A 210 -4.42 -2.26 -11.32
C MET A 210 -5.39 -1.43 -10.49
N LYS A 211 -5.33 -0.10 -10.59
CA LYS A 211 -6.34 0.75 -9.96
C LYS A 211 -7.74 0.37 -10.45
N MET A 212 -7.91 0.25 -11.77
CA MET A 212 -9.19 -0.12 -12.33
C MET A 212 -9.64 -1.50 -11.84
N ALA A 213 -8.71 -2.46 -11.79
CA ALA A 213 -9.04 -3.81 -11.35
C ALA A 213 -9.52 -3.82 -9.90
N GLU A 214 -8.80 -3.14 -9.01
CA GLU A 214 -9.23 -3.08 -7.62
C GLU A 214 -10.57 -2.38 -7.49
N GLU A 215 -10.76 -1.28 -8.23
CA GLU A 215 -11.99 -0.51 -8.10
C GLU A 215 -13.19 -1.24 -8.68
N LYS A 216 -13.02 -2.00 -9.77
CA LYS A 216 -14.15 -2.67 -10.41
C LYS A 216 -14.48 -4.00 -9.77
N ALA A 217 -13.69 -4.45 -8.80
CA ALA A 217 -14.13 -5.53 -7.93
C ALA A 217 -15.17 -5.04 -6.94
N LYS A 218 -14.97 -3.82 -6.41
CA LYS A 218 -15.91 -3.25 -5.46
C LYS A 218 -17.23 -2.90 -6.12
N ASN A 219 -17.19 -2.37 -7.35
CA ASN A 219 -18.38 -1.92 -8.07
C ASN A 219 -18.41 -2.60 -9.44
N PRO A 220 -18.91 -3.84 -9.49
CA PRO A 220 -18.94 -4.55 -10.77
C PRO A 220 -19.84 -3.86 -11.79
N ALA A 221 -19.34 -3.79 -13.01
CA ALA A 221 -20.08 -3.24 -14.14
C ALA A 221 -20.35 -4.35 -15.16
N ASP A 222 -20.72 -3.97 -16.38
CA ASP A 222 -21.00 -4.91 -17.45
C ASP A 222 -19.92 -4.89 -18.53
N ASP A 223 -18.76 -4.32 -18.24
CA ASP A 223 -17.65 -4.41 -19.18
C ASP A 223 -16.96 -5.76 -19.03
N ILE A 224 -15.92 -5.96 -19.84
CA ILE A 224 -15.20 -7.23 -19.79
C ILE A 224 -14.41 -7.36 -18.51
N VAL A 225 -14.07 -6.26 -17.86
CA VAL A 225 -13.18 -6.31 -16.70
C VAL A 225 -13.76 -7.21 -15.63
N THR A 226 -15.06 -7.06 -15.36
CA THR A 226 -15.70 -7.84 -14.32
C THR A 226 -15.60 -9.33 -14.62
N GLN A 227 -15.84 -9.72 -15.87
CA GLN A 227 -15.73 -11.13 -16.23
CA GLN A 227 -15.73 -11.13 -16.24
C GLN A 227 -14.30 -11.64 -16.18
N LEU A 228 -13.31 -10.74 -16.13
CA LEU A 228 -11.90 -11.13 -16.10
C LEU A 228 -11.37 -11.35 -14.69
N ILE A 229 -11.59 -10.39 -13.79
CA ILE A 229 -10.99 -10.45 -12.46
C ILE A 229 -11.88 -11.25 -11.52
N GLN A 230 -12.87 -11.96 -12.06
CA GLN A 230 -13.77 -12.76 -11.27
C GLN A 230 -13.42 -14.23 -11.34
N ALA A 231 -13.20 -14.85 -10.19
CA ALA A 231 -12.93 -16.27 -10.14
C ALA A 231 -14.16 -17.05 -10.55
N ASP A 232 -13.98 -18.01 -11.45
CA ASP A 232 -15.05 -18.96 -11.76
C ASP A 232 -15.05 -20.05 -10.69
N ILE A 233 -15.78 -21.14 -10.94
CA ILE A 233 -15.93 -22.18 -9.92
C ILE A 233 -14.59 -22.78 -9.53
N ASP A 234 -13.62 -22.78 -10.45
CA ASP A 234 -12.26 -23.26 -10.18
C ASP A 234 -11.38 -22.19 -9.53
N GLY A 235 -11.95 -21.03 -9.19
CA GLY A 235 -11.15 -19.94 -8.67
C GLY A 235 -10.27 -19.27 -9.69
N GLU A 236 -10.53 -19.48 -10.97
CA GLU A 236 -9.66 -19.00 -12.04
C GLU A 236 -10.04 -17.59 -12.48
N LYS A 237 -9.07 -16.69 -12.44
CA LYS A 237 -9.30 -15.29 -12.75
C LYS A 237 -7.94 -14.63 -13.00
N LEU A 238 -7.99 -13.42 -13.54
CA LEU A 238 -6.80 -12.62 -13.70
C LEU A 238 -6.48 -11.92 -12.38
N SER A 239 -5.23 -12.05 -11.93
CA SER A 239 -4.75 -11.23 -10.82
C SER A 239 -4.73 -9.77 -11.25
N ASP A 240 -4.53 -8.88 -10.28
CA ASP A 240 -4.49 -7.45 -10.59
C ASP A 240 -3.34 -7.12 -11.52
N ASP A 241 -2.17 -7.72 -11.28
CA ASP A 241 -1.03 -7.49 -12.18
C ASP A 241 -1.26 -8.19 -13.52
N GLU A 242 -1.89 -9.37 -13.52
CA GLU A 242 -2.21 -10.03 -14.77
C GLU A 242 -3.18 -9.19 -15.60
N PHE A 243 -4.16 -8.54 -14.96
CA PHE A 243 -5.00 -7.61 -15.68
C PHE A 243 -4.18 -6.44 -16.22
N GLY A 244 -3.19 -5.99 -15.45
CA GLY A 244 -2.32 -4.92 -15.95
C GLY A 244 -1.63 -5.31 -17.24
N PHE A 245 -1.01 -6.49 -17.27
CA PHE A 245 -0.32 -6.96 -18.46
C PHE A 245 -1.26 -7.20 -19.63
N PHE A 246 -2.53 -7.50 -19.37
CA PHE A 246 -3.48 -7.61 -20.46
C PHE A 246 -3.83 -6.24 -21.04
N VAL A 247 -4.08 -5.24 -20.18
CA VAL A 247 -4.36 -3.92 -20.70
C VAL A 247 -3.17 -3.41 -21.52
N VAL A 248 -1.95 -3.68 -21.05
CA VAL A 248 -0.76 -3.28 -21.80
C VAL A 248 -0.78 -3.94 -23.18
N MET A 249 -1.09 -5.23 -23.22
CA MET A 249 -1.19 -5.91 -24.50
C MET A 249 -2.34 -5.36 -25.33
N LEU A 250 -3.50 -5.14 -24.71
CA LEU A 250 -4.65 -4.63 -25.47
C LEU A 250 -4.40 -3.23 -25.98
N ALA A 251 -3.79 -2.36 -25.17
CA ALA A 251 -3.54 -0.99 -25.60
C ALA A 251 -2.64 -0.96 -26.83
N VAL A 252 -1.70 -1.89 -26.91
CA VAL A 252 -0.83 -1.90 -28.08
C VAL A 252 -1.50 -2.63 -29.23
N ALA A 253 -2.10 -3.79 -28.95
CA ALA A 253 -2.66 -4.61 -30.02
C ALA A 253 -3.81 -3.93 -30.74
N GLY A 254 -4.60 -3.12 -30.04
CA GLY A 254 -5.81 -2.61 -30.65
C GLY A 254 -5.69 -1.20 -31.18
N ASN A 255 -4.46 -0.74 -31.39
CA ASN A 255 -4.23 0.64 -31.80
C ASN A 255 -3.66 0.63 -33.22
N GLU A 256 -2.35 0.53 -33.40
CA GLU A 256 -1.74 0.83 -34.70
C GLU A 256 -2.15 -0.16 -35.80
N THR A 257 -2.37 -1.43 -35.47
CA THR A 257 -2.68 -2.40 -36.51
C THR A 257 -3.99 -2.06 -37.22
N THR A 258 -5.05 -1.77 -36.47
CA THR A 258 -6.30 -1.37 -37.10
C THR A 258 -6.16 -0.03 -37.82
N ARG A 259 -5.46 0.92 -37.19
CA ARG A 259 -5.28 2.23 -37.81
C ARG A 259 -4.58 2.12 -39.16
N ASN A 260 -3.59 1.24 -39.27
CA ASN A 260 -2.89 1.10 -40.54
C ASN A 260 -3.72 0.30 -41.55
N SER A 261 -4.56 -0.62 -41.08
CA SER A 261 -5.56 -1.22 -41.97
C SER A 261 -6.41 -0.15 -42.63
N ILE A 262 -6.88 0.82 -41.84
CA ILE A 262 -7.78 1.85 -42.37
C ILE A 262 -7.06 2.72 -43.37
N THR A 263 -5.87 3.20 -43.00
CA THR A 263 -5.10 4.06 -43.89
C THR A 263 -4.75 3.33 -45.18
N GLN A 264 -4.08 2.19 -45.07
CA GLN A 264 -3.73 1.43 -46.27
C GLN A 264 -4.95 0.90 -47.00
N GLY A 265 -6.09 0.73 -46.31
CA GLY A 265 -7.31 0.41 -47.03
C GLY A 265 -7.75 1.55 -47.95
N MET A 266 -7.65 2.79 -47.47
CA MET A 266 -8.01 3.93 -48.31
C MET A 266 -6.97 4.18 -49.39
N MET A 267 -5.70 3.83 -49.13
CA MET A 267 -4.68 3.93 -50.17
C MET A 267 -4.99 2.96 -51.30
N ALA A 268 -5.43 1.76 -50.97
CA ALA A 268 -5.83 0.80 -52.00
C ALA A 268 -7.03 1.33 -52.77
N PHE A 269 -7.99 1.92 -52.07
CA PHE A 269 -9.16 2.47 -52.74
C PHE A 269 -8.77 3.63 -53.65
N ALA A 270 -7.85 4.49 -53.20
CA ALA A 270 -7.38 5.58 -54.04
C ALA A 270 -6.70 5.07 -55.30
N GLU A 271 -6.06 3.89 -55.22
CA GLU A 271 -5.35 3.30 -56.35
C GLU A 271 -6.21 2.34 -57.16
N HIS A 272 -7.41 2.03 -56.70
CA HIS A 272 -8.32 1.12 -57.40
C HIS A 272 -9.70 1.73 -57.36
N PRO A 273 -9.95 2.77 -58.17
CA PRO A 273 -11.24 3.47 -58.09
C PRO A 273 -12.41 2.57 -58.45
N ASP A 274 -12.19 1.53 -59.25
CA ASP A 274 -13.25 0.56 -59.52
C ASP A 274 -13.71 -0.10 -58.23
N GLN A 275 -12.77 -0.44 -57.35
CA GLN A 275 -13.15 -1.02 -56.06
C GLN A 275 -13.82 0.01 -55.16
N TRP A 276 -13.41 1.28 -55.24
CA TRP A 276 -14.03 2.31 -54.41
C TRP A 276 -15.49 2.52 -54.81
N GLU A 277 -15.76 2.66 -56.11
CA GLU A 277 -17.15 2.80 -56.55
C GLU A 277 -17.98 1.59 -56.16
N LEU A 278 -17.41 0.40 -56.30
CA LEU A 278 -18.11 -0.81 -55.88
C LEU A 278 -18.38 -0.79 -54.38
N TYR A 279 -17.43 -0.30 -53.59
CA TYR A 279 -17.65 -0.29 -52.15
C TYR A 279 -18.78 0.67 -51.79
N LYS A 280 -18.76 1.88 -52.35
CA LYS A 280 -19.77 2.87 -52.00
C LYS A 280 -21.17 2.41 -52.38
N LYS A 281 -21.29 1.55 -53.39
CA LYS A 281 -22.59 1.07 -53.84
C LYS A 281 -23.10 -0.09 -52.99
N VAL A 282 -22.25 -1.09 -52.73
CA VAL A 282 -22.67 -2.33 -52.11
C VAL A 282 -22.31 -2.37 -50.62
N ARG A 283 -21.25 -1.66 -50.26
CA ARG A 283 -20.69 -1.69 -48.90
C ARG A 283 -20.41 -3.11 -48.40
N PRO A 284 -19.68 -3.92 -49.19
CA PRO A 284 -19.52 -5.33 -48.80
C PRO A 284 -18.55 -5.47 -47.64
N GLU A 285 -19.00 -6.16 -46.59
CA GLU A 285 -18.18 -6.34 -45.41
C GLU A 285 -16.94 -7.20 -45.66
N THR A 286 -16.94 -7.99 -46.74
CA THR A 286 -15.74 -8.73 -47.10
C THR A 286 -14.55 -7.82 -47.37
N ALA A 287 -14.79 -6.54 -47.69
CA ALA A 287 -13.69 -5.61 -47.89
C ALA A 287 -12.76 -5.57 -46.68
N ALA A 288 -13.32 -5.69 -45.47
CA ALA A 288 -12.49 -5.63 -44.27
C ALA A 288 -11.37 -6.66 -44.34
N ASP A 289 -11.69 -7.88 -44.74
CA ASP A 289 -10.67 -8.92 -44.81
C ASP A 289 -9.67 -8.62 -45.93
N GLU A 290 -10.17 -8.20 -47.10
CA GLU A 290 -9.26 -7.83 -48.19
C GLU A 290 -8.40 -6.64 -47.81
N ILE A 291 -8.95 -5.70 -47.06
CA ILE A 291 -8.14 -4.57 -46.61
C ILE A 291 -7.02 -5.07 -45.69
N VAL A 292 -7.35 -5.96 -44.75
CA VAL A 292 -6.33 -6.51 -43.85
C VAL A 292 -5.32 -7.33 -44.64
N ARG A 293 -5.77 -8.09 -45.64
CA ARG A 293 -4.82 -8.83 -46.49
C ARG A 293 -3.89 -7.88 -47.23
N TRP A 294 -4.44 -6.81 -47.80
CA TRP A 294 -3.62 -5.81 -48.48
C TRP A 294 -2.69 -5.11 -47.50
N ALA A 295 -3.23 -4.64 -46.37
CA ALA A 295 -2.44 -3.82 -45.44
C ALA A 295 -1.40 -4.64 -44.70
N THR A 296 -1.75 -5.87 -44.32
CA THR A 296 -0.95 -6.76 -43.48
C THR A 296 -0.23 -5.91 -42.43
N PRO A 297 -0.98 -5.38 -41.45
CA PRO A 297 -0.35 -4.42 -40.53
C PRO A 297 0.83 -5.00 -39.79
N VAL A 298 0.74 -6.25 -39.33
CA VAL A 298 1.89 -6.95 -38.76
C VAL A 298 2.61 -7.64 -39.91
N THR A 299 3.79 -7.13 -40.27
CA THR A 299 4.53 -7.72 -41.39
C THR A 299 5.05 -9.10 -41.03
N ALA A 300 5.49 -9.29 -39.79
CA ALA A 300 6.03 -10.58 -39.39
C ALA A 300 5.98 -10.72 -37.87
N PHE A 301 5.67 -11.94 -37.41
CA PHE A 301 5.94 -12.39 -36.06
C PHE A 301 6.84 -13.62 -36.16
N GLN A 302 7.56 -13.91 -35.07
CA GLN A 302 8.55 -14.97 -35.06
C GLN A 302 8.20 -16.04 -34.02
N ARG A 303 8.91 -17.16 -34.15
CA ARG A 303 8.85 -18.28 -33.21
C ARG A 303 10.26 -18.86 -33.10
N THR A 304 10.50 -19.57 -32.01
CA THR A 304 11.74 -20.28 -31.80
C THR A 304 11.45 -21.77 -31.71
N ALA A 305 12.22 -22.58 -32.45
CA ALA A 305 12.01 -24.02 -32.45
C ALA A 305 12.50 -24.62 -31.14
N LEU A 306 11.63 -25.38 -30.48
CA LEU A 306 12.01 -26.10 -29.26
C LEU A 306 12.71 -27.42 -29.55
N ARG A 307 12.71 -27.86 -30.80
CA ARG A 307 13.37 -29.10 -31.20
C ARG A 307 13.55 -29.09 -32.70
N ASP A 308 14.34 -30.03 -33.19
CA ASP A 308 14.50 -30.21 -34.63
C ASP A 308 13.16 -30.48 -35.28
N TYR A 309 12.97 -29.91 -36.47
CA TYR A 309 11.69 -30.02 -37.17
C TYR A 309 11.94 -29.83 -38.66
N GLU A 310 11.34 -30.70 -39.47
CA GLU A 310 11.44 -30.60 -40.92
C GLU A 310 10.20 -29.89 -41.45
N LEU A 311 10.38 -28.64 -41.86
CA LEU A 311 9.33 -27.83 -42.45
C LEU A 311 9.60 -27.72 -43.95
N SER A 312 8.73 -28.34 -44.74
CA SER A 312 8.79 -28.26 -46.20
C SER A 312 10.20 -28.53 -46.71
N GLY A 313 10.75 -29.67 -46.30
CA GLY A 313 12.07 -30.09 -46.74
C GLY A 313 13.25 -29.40 -46.10
N VAL A 314 13.04 -28.32 -45.34
CA VAL A 314 14.14 -27.59 -44.70
C VAL A 314 14.26 -28.06 -43.25
N GLN A 315 15.48 -28.38 -42.84
CA GLN A 315 15.72 -28.88 -41.49
C GLN A 315 15.86 -27.68 -40.54
N ILE A 316 14.82 -27.41 -39.76
CA ILE A 316 14.90 -26.40 -38.70
C ILE A 316 15.57 -27.05 -37.49
N LYS A 317 16.64 -26.44 -37.00
CA LYS A 317 17.39 -26.96 -35.87
C LYS A 317 16.91 -26.32 -34.57
N LYS A 318 16.94 -27.10 -33.51
CA LYS A 318 16.51 -26.62 -32.19
C LYS A 318 17.18 -25.30 -31.85
N GLY A 319 16.37 -24.35 -31.38
CA GLY A 319 16.88 -23.06 -30.97
C GLY A 319 16.88 -21.99 -32.04
N GLN A 320 16.71 -22.35 -33.31
CA GLN A 320 16.70 -21.35 -34.36
C GLN A 320 15.36 -20.63 -34.39
N ARG A 321 15.39 -19.37 -34.80
CA ARG A 321 14.18 -18.58 -34.96
C ARG A 321 13.61 -18.79 -36.35
N VAL A 322 12.29 -18.79 -36.45
CA VAL A 322 11.59 -18.72 -37.72
C VAL A 322 10.74 -17.46 -37.69
N VAL A 323 10.76 -16.69 -38.78
CA VAL A 323 10.03 -15.43 -38.86
C VAL A 323 8.96 -15.56 -39.93
N MET A 324 7.69 -15.46 -39.52
CA MET A 324 6.57 -15.68 -40.44
C MET A 324 6.22 -14.36 -41.12
N PHE A 325 6.57 -14.23 -42.40
CA PHE A 325 6.33 -13.00 -43.12
C PHE A 325 4.91 -13.03 -43.66
N TYR A 326 3.98 -12.53 -42.85
CA TYR A 326 2.59 -12.45 -43.28
C TYR A 326 2.44 -11.60 -44.52
N ARG A 327 3.33 -10.61 -44.70
CA ARG A 327 3.26 -9.76 -45.89
C ARG A 327 3.50 -10.59 -47.16
N SER A 328 4.35 -11.62 -47.08
CA SER A 328 4.59 -12.46 -48.24
C SER A 328 3.55 -13.56 -48.37
N ALA A 329 3.16 -14.17 -47.25
CA ALA A 329 2.18 -15.25 -47.28
C ALA A 329 0.82 -14.75 -47.77
N ASN A 330 0.46 -13.52 -47.43
CA ASN A 330 -0.83 -12.97 -47.85
C ASN A 330 -0.89 -12.69 -49.34
N PHE A 331 0.23 -12.85 -50.07
CA PHE A 331 0.23 -12.71 -51.52
C PHE A 331 0.78 -13.98 -52.18
N ASP A 332 0.64 -15.11 -51.48
CA ASP A 332 1.05 -16.41 -52.01
C ASP A 332 0.19 -16.79 -53.21
N GLU A 333 0.84 -16.97 -54.36
CA GLU A 333 0.15 -17.35 -55.59
C GLU A 333 -0.49 -18.72 -55.51
N GLU A 334 -0.04 -19.58 -54.59
CA GLU A 334 -0.63 -20.91 -54.48
C GLU A 334 -2.00 -20.87 -53.82
N VAL A 335 -2.25 -19.88 -52.99
CA VAL A 335 -3.47 -19.81 -52.22
C VAL A 335 -4.49 -18.85 -52.83
N PHE A 336 -4.03 -17.71 -53.35
CA PHE A 336 -4.91 -16.67 -53.85
C PHE A 336 -4.88 -16.64 -55.38
N GLN A 337 -6.06 -16.44 -55.97
CA GLN A 337 -6.16 -16.22 -57.41
C GLN A 337 -5.92 -14.74 -57.69
N ASP A 338 -4.87 -14.44 -58.44
CA ASP A 338 -4.45 -13.07 -58.68
C ASP A 338 -4.26 -12.36 -57.34
N PRO A 339 -3.20 -12.71 -56.61
CA PRO A 339 -3.04 -12.14 -55.25
C PRO A 339 -2.76 -10.65 -55.24
N PHE A 340 -2.24 -10.11 -56.34
CA PHE A 340 -1.95 -8.68 -56.44
C PHE A 340 -3.09 -7.88 -57.05
N THR A 341 -4.28 -8.48 -57.13
CA THR A 341 -5.50 -7.77 -57.50
C THR A 341 -6.25 -7.44 -56.22
N PHE A 342 -6.51 -6.14 -55.99
CA PHE A 342 -7.29 -5.71 -54.84
C PHE A 342 -8.77 -5.96 -55.14
N ASN A 343 -9.35 -6.97 -54.49
CA ASN A 343 -10.71 -7.42 -54.78
C ASN A 343 -11.51 -7.52 -53.48
N ILE A 344 -12.34 -6.51 -53.21
CA ILE A 344 -13.05 -6.42 -51.94
C ILE A 344 -14.20 -7.42 -51.90
N LEU A 345 -14.32 -8.23 -52.94
CA LEU A 345 -15.30 -9.32 -52.93
C LEU A 345 -14.68 -10.67 -52.66
N ARG A 346 -13.37 -10.73 -52.42
CA ARG A 346 -12.66 -11.99 -52.26
C ARG A 346 -13.33 -12.87 -51.23
N ASN A 347 -13.81 -14.02 -51.68
CA ASN A 347 -14.58 -14.91 -50.81
C ASN A 347 -14.47 -16.35 -51.30
N PRO A 348 -13.89 -17.26 -50.50
CA PRO A 348 -13.31 -17.01 -49.18
C PRO A 348 -11.94 -16.32 -49.27
N ASN A 349 -11.46 -15.81 -48.14
CA ASN A 349 -10.23 -15.00 -48.07
C ASN A 349 -9.36 -15.48 -46.92
N PRO A 350 -8.62 -16.61 -47.09
CA PRO A 350 -7.85 -17.20 -45.98
C PRO A 350 -6.50 -16.53 -45.72
N HIS A 351 -6.50 -15.21 -45.62
CA HIS A 351 -5.29 -14.48 -45.32
C HIS A 351 -4.83 -14.74 -43.88
N VAL A 352 -3.53 -14.62 -43.67
CA VAL A 352 -2.93 -14.73 -42.35
C VAL A 352 -2.56 -13.34 -41.84
N GLY A 353 -3.34 -12.32 -42.22
CA GLY A 353 -3.18 -11.00 -41.64
C GLY A 353 -3.37 -10.99 -40.13
N PHE A 354 -4.32 -11.80 -39.63
CA PHE A 354 -4.51 -11.97 -38.19
C PHE A 354 -3.72 -13.16 -37.67
N GLY A 355 -2.71 -13.58 -38.43
CA GLY A 355 -1.87 -14.70 -38.06
C GLY A 355 -2.43 -16.03 -38.52
N GLY A 356 -1.56 -17.04 -38.50
CA GLY A 356 -1.99 -18.39 -38.79
C GLY A 356 -2.89 -18.93 -37.71
N THR A 357 -3.86 -19.75 -38.13
CA THR A 357 -4.75 -20.40 -37.18
C THR A 357 -3.92 -21.21 -36.17
N GLY A 358 -4.27 -21.07 -34.90
CA GLY A 358 -3.61 -21.84 -33.87
C GLY A 358 -3.92 -21.25 -32.50
N ALA A 359 -3.07 -21.58 -31.53
CA ALA A 359 -3.27 -21.13 -30.16
C ALA A 359 -3.26 -19.61 -30.03
N HIS A 360 -2.55 -18.90 -30.91
CA HIS A 360 -2.35 -17.48 -30.73
C HIS A 360 -3.13 -16.64 -31.74
N TYR A 361 -4.14 -17.24 -32.39
CA TYR A 361 -4.92 -16.50 -33.37
C TYR A 361 -5.52 -15.25 -32.75
N CYS A 362 -5.50 -14.15 -33.52
CA CYS A 362 -5.85 -12.84 -32.97
C CYS A 362 -7.25 -12.83 -32.37
N ILE A 363 -7.33 -12.52 -31.08
CA ILE A 363 -8.60 -12.55 -30.38
C ILE A 363 -9.44 -11.32 -30.68
N GLY A 364 -8.84 -10.27 -31.23
CA GLY A 364 -9.60 -9.09 -31.59
C GLY A 364 -9.85 -8.96 -33.08
N ALA A 365 -9.80 -10.10 -33.79
CA ALA A 365 -9.97 -10.07 -35.23
C ALA A 365 -11.33 -9.51 -35.64
N ASN A 366 -12.39 -9.91 -34.94
CA ASN A 366 -13.72 -9.43 -35.35
C ASN A 366 -14.00 -8.03 -34.82
N LEU A 367 -13.42 -7.66 -33.68
CA LEU A 367 -13.44 -6.26 -33.27
C LEU A 367 -12.73 -5.39 -34.31
N ALA A 368 -11.65 -5.91 -34.89
CA ALA A 368 -10.94 -5.17 -35.92
C ALA A 368 -11.77 -5.09 -37.19
N ARG A 369 -12.37 -6.20 -37.60
CA ARG A 369 -13.20 -6.20 -38.80
C ARG A 369 -14.38 -5.26 -38.65
N MET A 370 -15.03 -5.27 -37.49
CA MET A 370 -16.13 -4.35 -37.24
C MET A 370 -15.66 -2.90 -37.30
N THR A 371 -14.54 -2.60 -36.62
CA THR A 371 -14.00 -1.24 -36.62
C THR A 371 -13.72 -0.76 -38.03
N ILE A 372 -13.05 -1.60 -38.84
CA ILE A 372 -12.76 -1.23 -40.23
C ILE A 372 -14.05 -1.01 -41.00
N ASN A 373 -15.03 -1.91 -40.85
CA ASN A 373 -16.26 -1.80 -41.63
C ASN A 373 -17.05 -0.54 -41.28
N LEU A 374 -17.15 -0.23 -39.99
CA LEU A 374 -17.88 0.97 -39.60
C LEU A 374 -17.22 2.23 -40.13
N ILE A 375 -15.88 2.33 -40.03
CA ILE A 375 -15.23 3.58 -40.43
C ILE A 375 -15.32 3.78 -41.94
N PHE A 376 -15.21 2.71 -42.74
CA PHE A 376 -15.30 2.89 -44.18
C PHE A 376 -16.72 3.18 -44.65
N ASN A 377 -17.73 2.70 -43.92
CA ASN A 377 -19.09 3.15 -44.22
C ASN A 377 -19.21 4.64 -43.94
N ALA A 378 -18.58 5.11 -42.87
CA ALA A 378 -18.62 6.54 -42.56
C ALA A 378 -17.87 7.35 -43.61
N VAL A 379 -16.69 6.87 -44.02
CA VAL A 379 -15.93 7.54 -45.06
C VAL A 379 -16.75 7.60 -46.35
N ALA A 380 -17.42 6.49 -46.70
CA ALA A 380 -18.27 6.50 -47.89
C ALA A 380 -19.47 7.41 -47.70
N ASP A 381 -19.95 7.57 -46.46
CA ASP A 381 -21.13 8.39 -46.22
C ASP A 381 -20.81 9.88 -46.34
N HIS A 382 -19.64 10.29 -45.86
CA HIS A 382 -19.36 11.71 -45.69
C HIS A 382 -18.33 12.28 -46.64
N MET A 383 -17.41 11.47 -47.16
CA MET A 383 -16.35 11.95 -48.04
C MET A 383 -16.13 10.97 -49.18
N PRO A 384 -17.18 10.69 -49.96
CA PRO A 384 -17.06 9.66 -51.00
C PRO A 384 -16.16 10.05 -52.16
N ASP A 385 -15.81 11.33 -52.32
CA ASP A 385 -14.97 11.77 -53.43
C ASP A 385 -13.62 12.30 -52.96
N LEU A 386 -13.11 11.76 -51.86
CA LEU A 386 -11.81 12.18 -51.35
C LEU A 386 -10.70 11.74 -52.30
N LYS A 387 -9.61 12.50 -52.29
CA LYS A 387 -8.47 12.26 -53.15
C LYS A 387 -7.22 12.61 -52.36
N PRO A 388 -6.18 11.80 -52.45
CA PRO A 388 -4.92 12.16 -51.81
C PRO A 388 -4.29 13.37 -52.47
N ILE A 389 -3.69 14.23 -51.66
CA ILE A 389 -2.94 15.35 -52.19
C ILE A 389 -1.44 15.07 -52.26
N SER A 390 -0.95 14.05 -51.55
CA SER A 390 0.46 13.71 -51.59
C SER A 390 0.62 12.25 -51.16
N ALA A 391 1.89 11.79 -51.10
CA ALA A 391 2.25 10.41 -50.82
C ALA A 391 2.36 10.15 -49.32
N PRO A 392 2.04 8.94 -48.87
CA PRO A 392 2.09 8.66 -47.43
C PRO A 392 3.51 8.53 -46.92
N GLU A 393 3.68 8.85 -45.63
CA GLU A 393 4.95 8.68 -44.94
C GLU A 393 4.91 7.35 -44.20
N ARG A 394 5.88 6.48 -44.47
CA ARG A 394 5.90 5.14 -43.90
C ARG A 394 6.61 5.12 -42.55
N LEU A 395 6.29 4.11 -41.75
CA LEU A 395 6.88 3.97 -40.42
C LEU A 395 8.14 3.11 -40.50
N ARG A 396 9.22 3.62 -39.92
CA ARG A 396 10.48 2.90 -39.85
C ARG A 396 10.36 1.83 -38.77
N SER A 397 10.05 0.60 -39.18
CA SER A 397 9.85 -0.50 -38.25
C SER A 397 10.22 -1.81 -38.92
N GLY A 398 10.78 -2.73 -38.14
CA GLY A 398 11.20 -4.02 -38.65
C GLY A 398 10.11 -5.06 -38.76
N TRP A 399 8.93 -4.80 -38.20
CA TRP A 399 7.85 -5.77 -38.24
C TRP A 399 6.48 -5.15 -38.39
N LEU A 400 6.34 -3.84 -38.17
CA LEU A 400 5.06 -3.16 -38.28
C LEU A 400 4.99 -2.43 -39.62
N ASN A 401 3.90 -2.65 -40.35
CA ASN A 401 3.65 -1.91 -41.58
C ASN A 401 2.82 -0.68 -41.23
N GLY A 402 3.48 0.45 -41.00
CA GLY A 402 2.81 1.65 -40.52
C GLY A 402 2.78 2.77 -41.54
N ILE A 403 1.76 3.61 -41.44
CA ILE A 403 1.68 4.87 -42.18
C ILE A 403 1.58 5.99 -41.15
N LYS A 404 2.60 6.84 -41.08
CA LYS A 404 2.60 7.94 -40.10
C LYS A 404 1.66 9.06 -40.52
N HIS A 405 1.67 9.45 -41.80
CA HIS A 405 0.90 10.60 -42.26
C HIS A 405 0.48 10.38 -43.71
N TRP A 406 -0.70 10.90 -44.05
CA TRP A 406 -1.22 10.82 -45.41
C TRP A 406 -2.16 12.01 -45.61
N GLN A 407 -1.69 13.02 -46.34
CA GLN A 407 -2.46 14.24 -46.53
C GLN A 407 -3.49 14.03 -47.63
N VAL A 408 -4.75 14.21 -47.30
CA VAL A 408 -5.86 13.92 -48.21
C VAL A 408 -6.77 15.14 -48.30
N ASP A 409 -7.37 15.34 -49.46
CA ASP A 409 -8.45 16.31 -49.64
C ASP A 409 -9.76 15.53 -49.63
N TYR A 410 -10.57 15.75 -48.59
CA TYR A 410 -11.84 15.05 -48.45
C TYR A 410 -12.95 15.64 -49.30
N THR A 411 -12.70 16.73 -50.03
CA THR A 411 -13.73 17.36 -50.84
C THR A 411 -13.58 16.99 -52.31
N GLY A 412 -12.57 17.55 -52.99
CA GLY A 412 -12.36 17.29 -54.40
C GLY A 412 -12.81 18.42 -55.30
N SER B 4 -5.66 28.65 12.15
CA SER B 4 -4.84 27.75 12.95
C SER B 4 -5.19 26.29 12.67
N PRO B 5 -4.19 25.41 12.70
CA PRO B 5 -4.43 24.00 12.37
C PRO B 5 -5.13 23.28 13.52
N ASN B 6 -6.01 22.34 13.16
CA ASN B 6 -6.76 21.57 14.14
C ASN B 6 -5.86 20.55 14.85
N LEU B 7 -5.19 20.98 15.90
CA LEU B 7 -4.26 20.13 16.64
C LEU B 7 -4.49 20.28 18.13
N PRO B 8 -4.26 19.22 18.89
CA PRO B 8 -4.34 19.32 20.36
C PRO B 8 -3.35 20.34 20.87
N PRO B 9 -3.71 21.10 21.91
CA PRO B 9 -2.80 22.14 22.42
C PRO B 9 -1.45 21.56 22.82
N GLY B 10 -0.39 22.30 22.51
CA GLY B 10 0.95 21.91 22.87
C GLY B 10 1.50 20.74 22.08
N PHE B 11 0.84 20.33 21.01
CA PHE B 11 1.31 19.22 20.19
C PHE B 11 2.73 19.49 19.69
N ASP B 12 3.60 18.50 19.85
CA ASP B 12 5.00 18.60 19.44
C ASP B 12 5.29 17.46 18.46
N PHE B 13 5.49 17.81 17.19
CA PHE B 13 5.74 16.81 16.14
C PHE B 13 7.07 16.08 16.31
N THR B 14 7.91 16.49 17.26
CA THR B 14 9.14 15.79 17.58
C THR B 14 9.03 15.01 18.89
N ASP B 15 7.83 14.93 19.46
CA ASP B 15 7.62 14.18 20.69
C ASP B 15 7.97 12.71 20.47
N PRO B 16 8.98 12.18 21.16
CA PRO B 16 9.31 10.75 20.97
C PRO B 16 8.19 9.82 21.38
N ALA B 17 7.28 10.24 22.26
CA ALA B 17 6.16 9.40 22.65
C ALA B 17 5.23 9.11 21.49
N ILE B 18 5.14 10.04 20.52
CA ILE B 18 4.29 9.83 19.36
C ILE B 18 4.82 8.68 18.51
N TYR B 19 6.11 8.71 18.17
CA TYR B 19 6.69 7.74 17.25
C TYR B 19 6.89 6.37 17.89
N ALA B 20 6.92 6.28 19.22
CA ALA B 20 6.89 4.96 19.85
C ALA B 20 5.55 4.26 19.67
N GLU B 21 4.55 4.97 19.14
CA GLU B 21 3.20 4.46 18.96
C GLU B 21 2.74 4.48 17.51
N ARG B 22 3.00 5.56 16.79
CA ARG B 22 2.40 5.77 15.49
C ARG B 22 3.22 6.79 14.71
N LEU B 23 3.00 6.81 13.40
CA LEU B 23 3.42 7.93 12.57
C LEU B 23 2.26 8.91 12.47
N PRO B 24 2.44 10.18 12.85
CA PRO B 24 1.30 11.11 12.88
C PRO B 24 0.87 11.54 11.49
N VAL B 25 0.29 10.61 10.74
CA VAL B 25 -0.04 10.88 9.34
C VAL B 25 -1.13 11.93 9.25
N ALA B 26 -2.16 11.82 10.09
CA ALA B 26 -3.28 12.76 10.01
C ALA B 26 -2.87 14.15 10.47
N GLU B 27 -2.04 14.23 11.51
CA GLU B 27 -1.59 15.54 11.98
C GLU B 27 -0.72 16.22 10.93
N PHE B 28 0.06 15.45 10.18
CA PHE B 28 0.84 16.01 9.09
C PHE B 28 -0.05 16.48 7.95
N ALA B 29 -1.08 15.69 7.62
CA ALA B 29 -2.02 16.11 6.57
C ALA B 29 -2.74 17.39 6.97
N GLU B 30 -3.04 17.55 8.26
CA GLU B 30 -3.68 18.78 8.72
C GLU B 30 -2.77 19.98 8.54
N LEU B 31 -1.49 19.84 8.87
CA LEU B 31 -0.54 20.94 8.67
C LEU B 31 -0.44 21.30 7.20
N ARG B 32 -0.21 20.29 6.34
CA ARG B 32 -0.15 20.53 4.91
C ARG B 32 -1.40 21.23 4.38
N SER B 33 -2.55 21.01 5.04
CA SER B 33 -3.80 21.62 4.60
C SER B 33 -4.04 23.00 5.20
N ALA B 34 -3.74 23.18 6.49
CA ALA B 34 -4.12 24.36 7.24
C ALA B 34 -2.97 25.32 7.51
N ALA B 35 -1.79 24.81 7.84
CA ALA B 35 -0.62 25.65 8.12
C ALA B 35 0.64 24.92 7.69
N PRO B 36 0.98 24.98 6.39
CA PRO B 36 2.08 24.13 5.88
C PRO B 36 3.43 24.48 6.47
N ILE B 37 3.64 25.74 6.86
CA ILE B 37 4.81 26.15 7.63
C ILE B 37 4.27 26.64 8.96
N TRP B 38 4.35 25.79 9.99
CA TRP B 38 3.72 26.04 11.27
C TRP B 38 4.79 26.19 12.34
N TRP B 39 4.55 27.10 13.29
CA TRP B 39 5.46 27.29 14.42
C TRP B 39 5.13 26.27 15.49
N ASN B 40 6.01 25.29 15.66
CA ASN B 40 5.85 24.23 16.66
C ASN B 40 6.43 24.73 17.98
N GLY B 41 5.58 25.29 18.83
CA GLY B 41 6.06 25.82 20.10
C GLY B 41 6.50 24.71 21.04
N GLN B 42 7.54 24.99 21.82
CA GLN B 42 8.10 24.04 22.78
C GLN B 42 8.28 24.74 24.12
N ASP B 43 7.61 24.21 25.15
CA ASP B 43 7.71 24.77 26.50
C ASP B 43 9.16 24.66 27.00
N PRO B 44 9.51 25.44 28.02
CA PRO B 44 10.89 25.36 28.56
C PRO B 44 11.21 23.96 29.06
N GLY B 45 12.43 23.51 28.75
CA GLY B 45 12.85 22.16 29.09
C GLY B 45 12.13 21.05 28.37
N LYS B 46 11.43 21.36 27.28
CA LYS B 46 10.69 20.38 26.50
C LYS B 46 11.10 20.42 25.04
N GLY B 47 12.30 20.94 24.74
CA GLY B 47 12.74 21.09 23.37
C GLY B 47 13.76 20.07 22.93
N GLY B 48 13.80 18.93 23.62
CA GLY B 48 14.71 17.85 23.24
C GLY B 48 16.16 18.27 23.20
N GLY B 49 16.58 19.12 24.12
CA GLY B 49 17.95 19.58 24.18
C GLY B 49 18.18 20.96 23.60
N PHE B 50 17.17 21.55 22.97
CA PHE B 50 17.25 22.90 22.43
C PHE B 50 16.27 23.79 23.19
N HIS B 51 16.73 24.97 23.57
CA HIS B 51 15.95 25.92 24.35
C HIS B 51 15.81 27.21 23.54
N ASP B 52 14.73 27.29 22.77
CA ASP B 52 14.51 28.47 21.94
C ASP B 52 13.03 28.74 21.73
N GLY B 53 12.12 28.07 22.45
CA GLY B 53 10.70 28.24 22.28
C GLY B 53 10.05 27.30 21.28
N GLY B 54 10.83 26.78 20.34
CA GLY B 54 10.30 25.78 19.42
C GLY B 54 11.03 25.91 18.08
N PHE B 55 10.30 25.55 17.03
CA PHE B 55 10.88 25.49 15.69
C PHE B 55 9.75 25.65 14.67
N TRP B 56 10.15 25.73 13.40
CA TRP B 56 9.23 25.84 12.28
C TRP B 56 9.00 24.45 11.69
N ALA B 57 7.76 23.97 11.77
CA ALA B 57 7.40 22.68 11.18
C ALA B 57 7.29 22.84 9.68
N ILE B 58 8.26 22.28 8.94
CA ILE B 58 8.27 22.31 7.49
C ILE B 58 7.68 20.99 6.99
N THR B 59 6.52 21.08 6.30
CA THR B 59 5.76 19.91 5.91
C THR B 59 5.56 19.74 4.41
N LYS B 60 5.90 20.75 3.59
CA LYS B 60 5.72 20.68 2.14
C LYS B 60 7.03 20.29 1.46
N LEU B 61 6.92 19.49 0.40
CA LEU B 61 8.11 18.92 -0.23
C LEU B 61 8.99 20.02 -0.86
N ASN B 62 8.39 20.97 -1.58
CA ASN B 62 9.18 22.03 -2.19
C ASN B 62 9.89 22.87 -1.14
N ASP B 63 9.24 23.09 0.01
CA ASP B 63 9.88 23.82 1.10
C ASP B 63 11.08 23.06 1.66
N VAL B 64 11.06 21.73 1.59
CA VAL B 64 12.21 20.95 2.03
C VAL B 64 13.32 21.04 1.00
N LYS B 65 13.00 20.86 -0.28
CA LYS B 65 13.99 21.02 -1.34
C LYS B 65 14.61 22.41 -1.31
N GLU B 66 13.81 23.44 -1.00
CA GLU B 66 14.33 24.80 -0.96
C GLU B 66 15.30 25.00 0.20
N ILE B 67 14.99 24.43 1.37
CA ILE B 67 15.87 24.57 2.53
C ILE B 67 17.17 23.82 2.30
N SER B 68 17.09 22.62 1.70
CA SER B 68 18.29 21.84 1.42
C SER B 68 19.14 22.48 0.33
N ARG B 69 18.51 23.21 -0.60
CA ARG B 69 19.26 23.87 -1.66
C ARG B 69 20.03 25.09 -1.15
N HIS B 70 19.43 25.86 -0.25
CA HIS B 70 20.05 27.08 0.27
C HIS B 70 20.81 26.78 1.56
N SER B 71 21.83 25.92 1.42
CA SER B 71 22.65 25.52 2.55
C SER B 71 23.46 26.68 3.12
N ASP B 72 23.72 27.71 2.33
CA ASP B 72 24.43 28.89 2.81
C ASP B 72 23.58 29.78 3.70
N VAL B 73 22.26 29.54 3.74
CA VAL B 73 21.36 30.29 4.61
C VAL B 73 20.87 29.42 5.76
N PHE B 74 20.57 28.15 5.50
CA PHE B 74 20.08 27.22 6.51
C PHE B 74 21.24 26.32 6.94
N SER B 75 21.66 26.45 8.19
CA SER B 75 22.91 25.88 8.69
C SER B 75 22.66 24.54 9.34
N SER B 76 23.50 23.56 9.00
CA SER B 76 23.55 22.28 9.70
C SER B 76 24.53 22.31 10.87
N TYR B 77 25.39 23.34 10.95
CA TYR B 77 26.40 23.38 11.99
C TYR B 77 25.88 24.02 13.27
N GLU B 78 24.95 24.96 13.16
CA GLU B 78 24.56 25.78 14.31
C GLU B 78 23.97 24.92 15.43
N ASN B 79 22.98 24.08 15.09
CA ASN B 79 22.31 23.23 16.07
C ASN B 79 22.23 21.78 15.60
N GLY B 80 23.10 21.37 14.70
CA GLY B 80 23.07 20.02 14.17
C GLY B 80 21.82 19.76 13.36
N VAL B 81 21.71 18.52 12.87
CA VAL B 81 20.59 18.14 12.03
C VAL B 81 19.57 17.35 12.83
N ILE B 82 20.01 16.70 13.90
CA ILE B 82 19.06 15.94 14.74
C ILE B 82 18.22 16.93 15.54
N PRO B 83 16.89 16.86 15.49
CA PRO B 83 16.04 17.85 16.16
C PRO B 83 15.50 17.43 17.52
N ARG B 84 15.90 16.28 18.06
CA ARG B 84 15.36 15.83 19.35
C ARG B 84 16.33 14.86 20.02
N PHE B 85 16.96 15.31 21.10
CA PHE B 85 17.67 14.45 22.03
C PHE B 85 16.83 14.31 23.30
N LYS B 86 17.46 13.83 24.37
CA LYS B 86 16.82 13.90 25.68
C LYS B 86 16.62 15.36 26.08
N ASN B 87 15.54 15.63 26.82
CA ASN B 87 15.28 17.00 27.24
C ASN B 87 16.42 17.54 28.11
N ASP B 88 17.12 16.65 28.82
CA ASP B 88 18.18 17.03 29.76
C ASP B 88 19.58 16.78 29.21
N ILE B 89 19.77 16.85 27.90
CA ILE B 89 21.09 16.61 27.32
C ILE B 89 21.93 17.87 27.45
N ALA B 90 23.22 17.69 27.72
CA ALA B 90 24.13 18.82 27.81
C ALA B 90 24.32 19.45 26.43
N ARG B 91 24.46 20.77 26.41
CA ARG B 91 24.64 21.47 25.14
C ARG B 91 25.95 21.03 24.48
N GLU B 92 26.99 20.79 25.27
CA GLU B 92 28.27 20.39 24.71
C GLU B 92 28.20 19.05 24.00
N ASP B 93 27.23 18.20 24.36
CA ASP B 93 27.07 16.93 23.65
C ASP B 93 26.37 17.11 22.31
N ILE B 94 25.61 18.18 22.14
CA ILE B 94 25.06 18.48 20.82
C ILE B 94 26.16 19.00 19.91
N GLU B 95 27.09 19.80 20.46
CA GLU B 95 28.13 20.40 19.64
C GLU B 95 29.21 19.40 19.24
N VAL B 96 29.32 18.27 19.95
CA VAL B 96 30.29 17.25 19.56
C VAL B 96 29.90 16.58 18.26
N GLN B 97 28.64 16.72 17.85
CA GLN B 97 28.18 16.23 16.56
C GLN B 97 28.84 16.97 15.40
N ARG B 98 29.32 18.19 15.63
CA ARG B 98 29.91 19.00 14.57
C ARG B 98 31.19 18.38 14.02
N PHE B 99 31.74 17.35 14.67
CA PHE B 99 32.98 16.73 14.24
C PHE B 99 32.79 15.74 13.10
N VAL B 100 31.55 15.57 12.60
CA VAL B 100 31.27 14.69 11.48
C VAL B 100 30.75 15.50 10.30
N MET B 101 30.85 14.91 9.11
CA MET B 101 30.52 15.62 7.88
C MET B 101 29.09 16.13 7.88
N LEU B 102 28.17 15.39 8.50
CA LEU B 102 26.75 15.69 8.36
C LEU B 102 26.37 17.00 9.06
N ASN B 103 27.00 17.28 10.21
CA ASN B 103 26.70 18.47 11.00
C ASN B 103 27.71 19.58 10.76
N MET B 104 28.12 19.79 9.51
CA MET B 104 29.11 20.78 9.17
C MET B 104 28.59 21.66 8.03
N ASP B 105 29.27 22.79 7.85
CA ASP B 105 28.97 23.72 6.76
C ASP B 105 30.25 24.04 6.00
N ALA B 106 30.08 24.59 4.80
CA ALA B 106 31.23 25.00 4.00
C ALA B 106 32.01 26.08 4.74
N PRO B 107 33.34 26.18 4.51
CA PRO B 107 34.12 25.39 3.56
C PRO B 107 34.53 24.01 4.08
N HIS B 108 34.41 23.79 5.40
CA HIS B 108 34.83 22.52 5.98
C HIS B 108 34.04 21.35 5.39
N HIS B 109 32.74 21.53 5.19
CA HIS B 109 31.92 20.45 4.65
C HIS B 109 32.34 20.11 3.22
N THR B 110 32.55 21.13 2.38
CA THR B 110 32.93 20.91 1.00
C THR B 110 34.23 20.11 0.90
N ARG B 111 35.18 20.38 1.80
CA ARG B 111 36.44 19.66 1.79
C ARG B 111 36.23 18.17 2.09
N LEU B 112 35.57 17.87 3.21
CA LEU B 112 35.33 16.47 3.55
C LEU B 112 34.43 15.78 2.54
N ARG B 113 33.44 16.50 1.99
CA ARG B 113 32.48 15.87 1.08
C ARG B 113 33.18 15.36 -0.17
N LYS B 114 34.13 16.13 -0.71
CA LYS B 114 34.85 15.69 -1.90
C LYS B 114 35.79 14.53 -1.58
N ILE B 115 36.43 14.57 -0.40
CA ILE B 115 37.35 13.51 -0.01
C ILE B 115 36.60 12.20 0.22
N ILE B 116 35.47 12.26 0.91
CA ILE B 116 34.71 11.06 1.25
C ILE B 116 34.01 10.47 0.02
N SER B 117 33.73 11.28 -1.00
CA SER B 117 33.09 10.77 -2.22
C SER B 117 33.92 9.68 -2.90
N ARG B 118 35.21 9.57 -2.57
CA ARG B 118 36.06 8.55 -3.17
C ARG B 118 35.60 7.14 -2.81
N GLY B 119 34.92 6.99 -1.67
CA GLY B 119 34.43 5.70 -1.23
C GLY B 119 33.00 5.37 -1.63
N PHE B 120 32.35 6.22 -2.42
CA PHE B 120 30.98 5.97 -2.84
C PHE B 120 30.80 6.05 -4.35
N THR B 121 31.89 6.09 -5.11
CA THR B 121 31.80 5.92 -6.53
C THR B 121 31.17 4.55 -6.85
N PRO B 122 30.46 4.43 -7.97
CA PRO B 122 29.88 3.13 -8.33
C PRO B 122 30.90 2.02 -8.59
N ARG B 123 32.21 2.30 -8.48
CA ARG B 123 33.18 1.21 -8.40
C ARG B 123 33.26 0.63 -7.00
N ALA B 124 33.24 1.50 -5.98
CA ALA B 124 33.16 1.03 -4.61
C ALA B 124 31.79 0.43 -4.32
N VAL B 125 30.73 1.04 -4.81
CA VAL B 125 29.38 0.51 -4.62
C VAL B 125 29.20 -0.77 -5.43
N GLY B 126 29.61 -0.75 -6.70
CA GLY B 126 29.40 -1.90 -7.56
C GLY B 126 30.23 -3.12 -7.18
N ARG B 127 31.40 -2.91 -6.56
CA ARG B 127 32.23 -4.05 -6.17
CA ARG B 127 32.23 -4.05 -6.17
C ARG B 127 31.56 -4.88 -5.09
N LEU B 128 30.76 -4.25 -4.23
CA LEU B 128 30.10 -4.96 -3.13
C LEU B 128 28.95 -5.84 -3.61
N HIS B 129 28.51 -5.68 -4.86
CA HIS B 129 27.25 -6.29 -5.29
C HIS B 129 27.25 -7.80 -5.07
N ASP B 130 28.26 -8.51 -5.58
CA ASP B 130 28.28 -9.96 -5.45
C ASP B 130 28.49 -10.37 -4.00
N GLU B 131 29.31 -9.62 -3.26
CA GLU B 131 29.47 -9.88 -1.84
C GLU B 131 28.12 -9.83 -1.11
N LEU B 132 27.30 -8.84 -1.42
CA LEU B 132 26.05 -8.67 -0.70
C LEU B 132 24.91 -9.47 -1.31
N GLN B 133 24.95 -9.72 -2.62
CA GLN B 133 23.95 -10.58 -3.24
C GLN B 133 24.02 -11.99 -2.66
N GLU B 134 25.24 -12.54 -2.57
CA GLU B 134 25.40 -13.87 -2.01
C GLU B 134 24.95 -13.92 -0.56
N ARG B 135 25.27 -12.88 0.22
CA ARG B 135 24.92 -12.90 1.64
C ARG B 135 23.43 -12.64 1.86
N ALA B 136 22.82 -11.78 1.05
CA ALA B 136 21.38 -11.61 1.12
C ALA B 136 20.65 -12.92 0.89
N GLN B 137 21.13 -13.72 -0.07
CA GLN B 137 20.54 -15.03 -0.31
C GLN B 137 20.71 -15.93 0.90
N LYS B 138 21.82 -15.80 1.61
CA LYS B 138 22.04 -16.64 2.79
C LYS B 138 21.14 -16.19 3.95
N ILE B 139 21.00 -14.88 4.13
CA ILE B 139 20.13 -14.37 5.20
C ILE B 139 18.69 -14.83 4.96
N ALA B 140 18.21 -14.70 3.74
CA ALA B 140 16.85 -15.14 3.41
C ALA B 140 16.70 -16.64 3.63
N ALA B 141 17.65 -17.44 3.13
CA ALA B 141 17.58 -18.88 3.31
C ALA B 141 17.62 -19.25 4.78
N GLU B 142 18.45 -18.56 5.57
CA GLU B 142 18.49 -18.84 7.00
C GLU B 142 17.17 -18.50 7.66
N ALA B 143 16.57 -17.36 7.30
CA ALA B 143 15.26 -17.00 7.83
C ALA B 143 14.19 -17.98 7.37
N ALA B 144 14.21 -18.37 6.09
CA ALA B 144 13.25 -19.35 5.60
C ALA B 144 13.38 -20.67 6.33
N ALA B 145 14.61 -21.10 6.61
CA ALA B 145 14.79 -22.35 7.34
C ALA B 145 14.26 -22.26 8.76
N ALA B 146 14.35 -21.09 9.40
CA ALA B 146 13.83 -20.91 10.76
C ALA B 146 12.30 -20.94 10.81
N GLY B 147 11.62 -20.72 9.68
CA GLY B 147 10.19 -20.86 9.67
C GLY B 147 9.47 -19.57 10.05
N SER B 148 9.89 -18.95 11.15
CA SER B 148 9.27 -17.73 11.64
C SER B 148 10.22 -17.05 12.62
N GLY B 149 9.86 -15.85 13.03
CA GLY B 149 10.67 -15.10 13.98
C GLY B 149 10.60 -13.61 13.70
N ASP B 150 11.51 -12.89 14.36
CA ASP B 150 11.59 -11.43 14.26
C ASP B 150 12.18 -11.05 12.90
N PHE B 151 11.35 -10.43 12.06
CA PHE B 151 11.83 -10.02 10.73
C PHE B 151 12.96 -9.02 10.84
N VAL B 152 12.92 -8.13 11.84
CA VAL B 152 13.93 -7.08 11.94
C VAL B 152 15.30 -7.68 12.23
N GLU B 153 15.36 -8.67 13.12
CA GLU B 153 16.65 -9.28 13.45
C GLU B 153 17.07 -10.31 12.40
N GLN B 154 16.12 -10.99 11.76
CA GLN B 154 16.43 -12.11 10.89
C GLN B 154 16.58 -11.75 9.42
N VAL B 155 16.18 -10.54 9.01
CA VAL B 155 16.21 -10.19 7.60
C VAL B 155 16.81 -8.80 7.42
N SER B 156 16.31 -7.83 8.18
CA SER B 156 16.63 -6.44 7.96
C SER B 156 17.94 -6.01 8.61
N CYS B 157 18.42 -6.77 9.60
CA CYS B 157 19.53 -6.30 10.41
C CYS B 157 20.88 -6.42 9.69
N GLU B 158 21.19 -7.63 9.22
CA GLU B 158 22.59 -7.94 8.91
C GLU B 158 23.08 -7.27 7.63
N LEU B 159 22.32 -7.36 6.54
CA LEU B 159 22.83 -6.91 5.25
C LEU B 159 23.29 -5.45 5.25
N PRO B 160 22.57 -4.48 5.84
CA PRO B 160 23.13 -3.12 5.90
C PRO B 160 24.46 -3.05 6.64
N LEU B 161 24.59 -3.80 7.74
CA LEU B 161 25.84 -3.80 8.49
C LEU B 161 26.97 -4.43 7.68
N GLN B 162 26.66 -5.47 6.90
CA GLN B 162 27.69 -6.07 6.07
C GLN B 162 28.08 -5.16 4.91
N ALA B 163 27.15 -4.32 4.46
CA ALA B 163 27.50 -3.32 3.45
C ALA B 163 28.54 -2.33 3.98
N ILE B 164 28.36 -1.89 5.22
CA ILE B 164 29.34 -0.99 5.83
C ILE B 164 30.69 -1.69 6.00
N ALA B 165 30.66 -2.91 6.57
CA ALA B 165 31.88 -3.67 6.77
C ALA B 165 32.56 -4.01 5.44
N GLY B 166 31.77 -4.33 4.41
CA GLY B 166 32.35 -4.59 3.10
C GLY B 166 32.99 -3.34 2.51
N LEU B 167 32.39 -2.17 2.73
CA LEU B 167 32.93 -0.93 2.19
C LEU B 167 34.29 -0.60 2.82
N LEU B 168 34.38 -0.70 4.15
CA LEU B 168 35.63 -0.44 4.84
C LEU B 168 36.61 -1.62 4.79
N GLY B 169 36.23 -2.73 4.15
CA GLY B 169 37.07 -3.91 4.13
C GLY B 169 37.34 -4.49 5.49
N VAL B 170 36.38 -4.41 6.40
CA VAL B 170 36.59 -4.90 7.77
C VAL B 170 36.68 -6.43 7.74
N PRO B 171 37.70 -7.02 8.37
CA PRO B 171 37.78 -8.49 8.42
C PRO B 171 36.60 -9.07 9.18
N GLN B 172 36.17 -10.25 8.75
CA GLN B 172 35.05 -10.91 9.41
C GLN B 172 35.33 -11.27 10.86
N GLU B 173 36.59 -11.20 11.29
CA GLU B 173 36.93 -11.44 12.69
C GLU B 173 36.53 -10.28 13.60
N ASP B 174 36.41 -9.08 13.05
CA ASP B 174 36.02 -7.89 13.82
C ASP B 174 34.63 -7.40 13.48
N ARG B 175 33.88 -8.11 12.65
CA ARG B 175 32.57 -7.62 12.24
C ARG B 175 31.54 -7.77 13.35
N GLY B 176 31.62 -8.84 14.14
CA GLY B 176 30.75 -8.94 15.31
C GLY B 176 30.96 -7.80 16.29
N LYS B 177 32.22 -7.53 16.64
CA LYS B 177 32.54 -6.36 17.45
C LYS B 177 31.99 -5.09 16.81
N LEU B 178 32.28 -4.88 15.53
CA LEU B 178 31.86 -3.65 14.85
C LEU B 178 30.35 -3.51 14.86
N PHE B 179 29.62 -4.59 14.57
CA PHE B 179 28.16 -4.52 14.55
C PHE B 179 27.61 -4.17 15.93
N HIS B 180 28.15 -4.80 16.98
CA HIS B 180 27.65 -4.55 18.33
C HIS B 180 27.82 -3.09 18.73
N TRP B 181 28.96 -2.49 18.37
CA TRP B 181 29.17 -1.07 18.68
C TRP B 181 28.20 -0.19 17.89
N SER B 182 27.99 -0.51 16.61
CA SER B 182 27.13 0.31 15.77
C SER B 182 25.67 0.24 16.20
N ASN B 183 25.21 -0.96 16.60
CA ASN B 183 23.81 -1.09 17.01
C ASN B 183 23.51 -0.29 18.27
N GLU B 184 24.51 -0.07 19.12
CA GLU B 184 24.33 0.57 20.42
C GLU B 184 24.57 2.08 20.37
N MET B 185 24.44 2.70 19.20
CA MET B 185 24.63 4.14 19.07
C MET B 185 23.33 4.91 18.92
N THR B 186 22.28 4.27 18.40
CA THR B 186 20.99 4.91 18.24
C THR B 186 19.93 4.09 18.96
N GLY B 187 18.91 4.79 19.47
CA GLY B 187 17.86 4.16 20.24
C GLY B 187 17.94 4.37 21.73
N ASN B 188 18.85 5.22 22.21
CA ASN B 188 18.99 5.44 23.64
C ASN B 188 17.73 6.02 24.27
N GLU B 189 16.88 6.67 23.48
CA GLU B 189 15.67 7.28 24.00
C GLU B 189 14.52 6.29 24.17
N ASP B 190 14.72 5.02 23.79
CA ASP B 190 13.74 3.95 23.91
C ASP B 190 14.07 3.07 25.12
N PRO B 191 13.06 2.68 25.90
CA PRO B 191 13.34 1.95 27.14
C PRO B 191 14.07 0.63 26.95
N GLU B 192 13.89 -0.04 25.80
CA GLU B 192 14.58 -1.31 25.57
C GLU B 192 16.09 -1.15 25.49
N TYR B 193 16.57 0.03 25.13
CA TYR B 193 18.00 0.32 25.01
C TYR B 193 18.44 1.48 25.89
N ALA B 194 17.57 1.97 26.78
CA ALA B 194 17.84 3.14 27.62
C ALA B 194 18.95 2.92 28.63
N HIS B 195 19.60 1.76 28.62
CA HIS B 195 20.66 1.44 29.56
C HIS B 195 22.04 1.39 28.93
N ILE B 196 22.13 1.35 27.60
CA ILE B 196 23.45 1.28 26.95
C ILE B 196 24.13 2.64 27.05
N ASP B 197 25.43 2.62 27.31
CA ASP B 197 26.24 3.83 27.17
C ASP B 197 26.69 3.94 25.73
N PRO B 198 26.05 4.79 24.92
CA PRO B 198 26.47 4.91 23.52
C PRO B 198 27.82 5.58 23.39
N LYS B 199 28.19 6.43 24.36
CA LYS B 199 29.52 7.03 24.35
C LYS B 199 30.62 5.98 24.50
N ALA B 200 30.36 4.92 25.25
CA ALA B 200 31.34 3.84 25.38
C ALA B 200 31.56 3.13 24.06
N SER B 201 30.49 2.92 23.30
CA SER B 201 30.62 2.23 22.02
C SER B 201 31.15 3.15 20.92
N SER B 202 30.91 4.46 21.03
CA SER B 202 31.50 5.39 20.07
C SER B 202 33.00 5.55 20.30
N ALA B 203 33.43 5.51 21.56
CA ALA B 203 34.86 5.54 21.85
C ALA B 203 35.55 4.27 21.35
N GLU B 204 34.87 3.13 21.39
CA GLU B 204 35.43 1.89 20.86
C GLU B 204 35.44 1.85 19.34
N LEU B 205 34.56 2.60 18.69
CA LEU B 205 34.57 2.68 17.23
C LEU B 205 35.71 3.56 16.74
N ILE B 206 35.86 4.74 17.33
CA ILE B 206 36.97 5.63 17.01
C ILE B 206 38.30 4.93 17.28
N GLY B 207 38.38 4.18 18.38
CA GLY B 207 39.61 3.45 18.68
C GLY B 207 39.94 2.40 17.64
N TYR B 208 38.93 1.62 17.24
CA TYR B 208 39.14 0.64 16.17
C TYR B 208 39.43 1.33 14.84
N ALA B 209 38.81 2.49 14.61
CA ALA B 209 39.10 3.24 13.39
C ALA B 209 40.54 3.73 13.36
N MET B 210 41.09 4.07 14.53
CA MET B 210 42.51 4.43 14.60
C MET B 210 43.39 3.24 14.23
N LYS B 211 43.10 2.07 14.82
CA LYS B 211 43.86 0.87 14.50
C LYS B 211 43.82 0.56 13.01
N MET B 212 42.65 0.78 12.39
CA MET B 212 42.49 0.48 10.97
C MET B 212 43.28 1.46 10.11
N ALA B 213 43.25 2.75 10.44
CA ALA B 213 43.93 3.74 9.62
C ALA B 213 45.45 3.59 9.69
N GLU B 214 45.97 3.09 10.82
CA GLU B 214 47.41 2.88 10.94
C GLU B 214 47.85 1.57 10.29
N GLU B 215 46.97 0.57 10.26
CA GLU B 215 47.30 -0.68 9.58
C GLU B 215 47.14 -0.59 8.07
N LYS B 216 46.42 0.44 7.56
CA LYS B 216 46.23 0.61 6.13
C LYS B 216 47.08 1.73 5.53
N ALA B 217 47.60 2.65 6.33
CA ALA B 217 48.69 3.52 5.88
C ALA B 217 49.94 2.71 5.57
N LYS B 218 50.17 1.62 6.30
CA LYS B 218 51.08 0.54 5.92
C LYS B 218 50.20 -0.60 5.38
N ASN B 219 50.81 -1.74 5.02
CA ASN B 219 50.15 -2.89 4.38
C ASN B 219 48.99 -2.42 3.51
N PRO B 220 49.23 -1.54 2.52
CA PRO B 220 48.12 -0.90 1.81
C PRO B 220 47.56 -1.73 0.65
N ASP B 222 44.21 -2.06 -2.33
CA ASP B 222 43.03 -1.46 -2.95
C ASP B 222 41.80 -1.63 -2.06
N ASP B 223 41.31 -0.50 -1.54
CA ASP B 223 40.18 -0.48 -0.64
C ASP B 223 39.82 0.98 -0.43
N ILE B 224 38.58 1.30 -0.09
CA ILE B 224 38.30 2.72 0.15
C ILE B 224 39.25 3.26 1.20
N VAL B 225 39.44 2.54 2.31
CA VAL B 225 40.18 3.05 3.47
C VAL B 225 41.52 3.65 3.05
N THR B 226 42.26 2.94 2.20
CA THR B 226 43.56 3.46 1.76
C THR B 226 43.39 4.71 0.90
N GLN B 227 42.28 4.81 0.18
CA GLN B 227 42.03 6.03 -0.59
C GLN B 227 41.72 7.21 0.33
N LEU B 228 41.25 6.97 1.53
CA LEU B 228 40.81 8.11 2.38
C LEU B 228 41.97 8.70 3.19
N ILE B 229 42.88 7.83 3.66
CA ILE B 229 44.05 8.33 4.38
C ILE B 229 45.15 8.81 3.45
N GLN B 230 44.93 8.75 2.14
CA GLN B 230 45.88 9.18 1.12
C GLN B 230 45.54 10.59 0.62
N ALA B 231 46.55 11.21 0.02
CA ALA B 231 46.45 12.61 -0.35
C ALA B 231 45.73 12.79 -1.68
N ASP B 232 46.27 12.19 -2.75
CA ASP B 232 45.68 12.25 -4.09
C ASP B 232 45.57 13.68 -4.61
N ILE B 233 44.36 14.25 -4.57
CA ILE B 233 44.09 15.57 -5.14
C ILE B 233 44.57 16.65 -4.18
N ASP B 234 45.46 17.53 -4.66
CA ASP B 234 45.96 18.68 -3.90
C ASP B 234 46.45 18.28 -2.50
N GLY B 235 46.94 17.05 -2.36
CA GLY B 235 47.33 16.57 -1.05
C GLY B 235 46.21 16.49 -0.03
N GLU B 236 44.95 16.50 -0.47
CA GLU B 236 43.81 16.56 0.44
C GLU B 236 43.47 15.17 0.96
N LYS B 237 43.78 14.92 2.23
CA LYS B 237 43.58 13.62 2.85
C LYS B 237 42.78 13.80 4.13
N LEU B 238 42.28 12.68 4.67
CA LEU B 238 41.57 12.69 5.94
C LEU B 238 42.57 12.58 7.08
N SER B 239 42.58 13.59 7.95
CA SER B 239 43.36 13.48 9.18
C SER B 239 42.81 12.33 10.01
N ASP B 240 43.71 11.67 10.74
CA ASP B 240 43.37 10.39 11.37
C ASP B 240 42.17 10.50 12.28
N ASP B 241 41.94 11.67 12.91
CA ASP B 241 40.74 11.86 13.70
C ASP B 241 39.50 11.89 12.82
N GLU B 242 39.57 12.58 11.68
CA GLU B 242 38.43 12.66 10.78
C GLU B 242 38.04 11.30 10.23
N PHE B 243 39.00 10.38 10.13
CA PHE B 243 38.65 9.01 9.72
C PHE B 243 37.85 8.31 10.81
N GLY B 244 38.16 8.59 12.08
CA GLY B 244 37.36 8.02 13.16
C GLY B 244 35.94 8.54 13.15
N PHE B 245 35.78 9.85 12.97
CA PHE B 245 34.46 10.43 12.88
C PHE B 245 33.77 10.08 11.56
N PHE B 246 34.54 9.70 10.53
CA PHE B 246 33.94 9.13 9.34
C PHE B 246 33.36 7.75 9.62
N VAL B 247 34.15 6.90 10.28
CA VAL B 247 33.69 5.54 10.58
C VAL B 247 32.51 5.59 11.55
N VAL B 248 32.57 6.49 12.54
CA VAL B 248 31.44 6.64 13.46
C VAL B 248 30.19 7.06 12.69
N MET B 249 30.33 8.06 11.82
CA MET B 249 29.19 8.53 11.04
C MET B 249 28.71 7.48 10.06
N LEU B 250 29.64 6.73 9.47
CA LEU B 250 29.26 5.72 8.48
C LEU B 250 28.63 4.50 9.14
N ALA B 251 29.13 4.08 10.30
CA ALA B 251 28.57 2.92 10.99
C ALA B 251 27.15 3.16 11.50
N VAL B 252 26.76 4.41 11.71
CA VAL B 252 25.41 4.69 12.16
C VAL B 252 24.49 4.94 10.98
N ALA B 253 24.99 5.64 9.95
CA ALA B 253 24.14 6.07 8.85
C ALA B 253 23.62 4.88 8.04
N GLY B 254 24.45 3.86 7.85
CA GLY B 254 24.08 2.75 7.01
C GLY B 254 23.49 1.57 7.75
N ASN B 255 23.07 1.77 8.99
CA ASN B 255 22.49 0.68 9.76
C ASN B 255 20.97 0.78 9.81
N GLU B 256 20.45 1.58 10.74
CA GLU B 256 19.01 1.56 10.99
C GLU B 256 18.22 2.04 9.78
N THR B 257 18.72 3.08 9.09
CA THR B 257 17.98 3.67 7.98
C THR B 257 17.67 2.64 6.91
N THR B 258 18.68 1.87 6.47
CA THR B 258 18.40 0.79 5.51
C THR B 258 17.60 -0.32 6.18
N ARG B 259 17.95 -0.67 7.42
CA ARG B 259 17.21 -1.69 8.16
C ARG B 259 15.72 -1.34 8.24
N ASN B 260 15.40 -0.12 8.67
CA ASN B 260 14.01 0.30 8.77
C ASN B 260 13.38 0.52 7.39
N SER B 261 14.20 0.65 6.35
CA SER B 261 13.68 0.62 4.98
C SER B 261 13.21 -0.78 4.61
N ILE B 262 13.98 -1.79 5.01
CA ILE B 262 13.62 -3.17 4.65
C ILE B 262 12.39 -3.61 5.43
N THR B 263 12.35 -3.30 6.74
CA THR B 263 11.22 -3.71 7.56
C THR B 263 9.93 -3.05 7.09
N GLN B 264 9.94 -1.72 6.95
CA GLN B 264 8.72 -1.05 6.53
C GLN B 264 8.38 -1.30 5.08
N GLY B 265 9.38 -1.62 4.24
CA GLY B 265 9.08 -2.06 2.89
C GLY B 265 8.28 -3.36 2.89
N MET B 266 8.76 -4.36 3.63
CA MET B 266 8.02 -5.62 3.77
C MET B 266 6.66 -5.38 4.41
N MET B 267 6.59 -4.47 5.39
CA MET B 267 5.29 -4.12 5.97
C MET B 267 4.34 -3.60 4.90
N ALA B 268 4.84 -2.72 4.01
CA ALA B 268 3.98 -2.20 2.95
C ALA B 268 3.53 -3.31 2.02
N PHE B 269 4.43 -4.24 1.69
CA PHE B 269 4.08 -5.36 0.84
C PHE B 269 3.03 -6.26 1.51
N ALA B 270 3.09 -6.40 2.83
CA ALA B 270 2.07 -7.19 3.54
C ALA B 270 0.71 -6.50 3.47
N GLU B 271 0.68 -5.17 3.63
CA GLU B 271 -0.60 -4.46 3.52
C GLU B 271 -1.12 -4.44 2.10
N HIS B 272 -0.26 -4.59 1.09
CA HIS B 272 -0.64 -4.49 -0.32
C HIS B 272 -0.13 -5.71 -1.06
N PRO B 273 -0.81 -6.86 -0.94
CA PRO B 273 -0.32 -8.08 -1.61
C PRO B 273 -0.30 -7.95 -3.11
N ASP B 274 -1.17 -7.15 -3.70
CA ASP B 274 -1.12 -6.92 -5.14
C ASP B 274 0.25 -6.43 -5.57
N GLN B 275 0.83 -5.49 -4.82
CA GLN B 275 2.17 -5.01 -5.12
C GLN B 275 3.21 -6.09 -4.88
N TRP B 276 3.01 -6.90 -3.83
CA TRP B 276 3.93 -7.99 -3.57
C TRP B 276 3.95 -8.99 -4.71
N GLU B 277 2.76 -9.38 -5.22
CA GLU B 277 2.71 -10.28 -6.37
C GLU B 277 3.38 -9.64 -7.59
N LEU B 278 3.22 -8.33 -7.74
CA LEU B 278 3.87 -7.62 -8.84
C LEU B 278 5.38 -7.60 -8.68
N TYR B 279 5.88 -7.41 -7.46
CA TYR B 279 7.33 -7.40 -7.26
C TYR B 279 7.93 -8.76 -7.56
N LYS B 280 7.35 -9.83 -7.02
CA LYS B 280 7.91 -11.16 -7.24
C LYS B 280 7.93 -11.53 -8.71
N LYS B 281 7.05 -10.91 -9.52
CA LYS B 281 7.05 -11.15 -10.95
C LYS B 281 8.10 -10.30 -11.66
N VAL B 282 7.98 -8.98 -11.54
CA VAL B 282 8.79 -8.07 -12.35
C VAL B 282 10.14 -7.73 -11.72
N ARG B 283 10.23 -7.78 -10.40
CA ARG B 283 11.42 -7.31 -9.67
C ARG B 283 11.83 -5.90 -10.11
N PRO B 284 10.89 -4.94 -10.11
CA PRO B 284 11.18 -3.66 -10.75
C PRO B 284 12.26 -2.88 -10.01
N GLU B 285 13.17 -2.28 -10.79
CA GLU B 285 14.27 -1.52 -10.21
CA GLU B 285 14.27 -1.52 -10.21
C GLU B 285 13.79 -0.29 -9.46
N THR B 286 12.58 0.20 -9.78
CA THR B 286 12.00 1.38 -9.13
C THR B 286 11.40 1.07 -7.76
N ALA B 287 11.44 -0.18 -7.30
CA ALA B 287 10.84 -0.52 -6.01
C ALA B 287 11.63 0.07 -4.84
N ALA B 288 12.95 0.17 -4.96
CA ALA B 288 13.75 0.69 -3.85
C ALA B 288 13.33 2.11 -3.49
N ASP B 289 13.17 2.97 -4.49
CA ASP B 289 12.79 4.36 -4.22
C ASP B 289 11.41 4.45 -3.57
N GLU B 290 10.44 3.66 -4.06
CA GLU B 290 9.11 3.67 -3.45
C GLU B 290 9.13 3.10 -2.04
N ILE B 291 9.98 2.10 -1.79
CA ILE B 291 10.13 1.61 -0.43
C ILE B 291 10.71 2.69 0.48
N VAL B 292 11.71 3.43 -0.01
CA VAL B 292 12.29 4.48 0.82
C VAL B 292 11.29 5.61 1.04
N ARG B 293 10.50 5.93 0.02
CA ARG B 293 9.48 6.95 0.20
C ARG B 293 8.45 6.49 1.21
N TRP B 294 8.00 5.24 1.11
CA TRP B 294 7.02 4.72 2.04
C TRP B 294 7.60 4.56 3.44
N ALA B 295 8.89 4.22 3.54
CA ALA B 295 9.48 4.02 4.85
C ALA B 295 9.86 5.34 5.50
N THR B 296 10.40 6.30 4.72
CA THR B 296 11.01 7.53 5.22
C THR B 296 11.74 7.25 6.53
N PRO B 297 12.84 6.46 6.49
CA PRO B 297 13.48 6.03 7.73
C PRO B 297 13.93 7.16 8.63
N VAL B 298 14.18 8.34 8.07
CA VAL B 298 14.46 9.54 8.85
C VAL B 298 13.24 10.43 8.73
N THR B 299 12.52 10.60 9.84
CA THR B 299 11.29 11.40 9.82
C THR B 299 11.61 12.87 9.61
N ALA B 300 12.69 13.37 10.22
CA ALA B 300 12.94 14.80 10.22
C ALA B 300 14.40 15.09 10.53
N PHE B 301 14.97 16.02 9.78
CA PHE B 301 16.24 16.67 10.08
C PHE B 301 16.01 18.17 10.13
N GLN B 302 16.86 18.88 10.88
CA GLN B 302 16.64 20.29 11.12
C GLN B 302 17.80 21.13 10.58
N ARG B 303 17.52 22.41 10.39
CA ARG B 303 18.50 23.41 10.02
C ARG B 303 18.26 24.65 10.86
N THR B 304 19.28 25.50 10.97
CA THR B 304 19.17 26.79 11.61
C THR B 304 19.44 27.89 10.59
N ALA B 305 18.57 28.91 10.56
CA ALA B 305 18.70 29.99 9.59
C ALA B 305 19.78 30.98 10.04
N LEU B 306 20.76 31.23 9.17
CA LEU B 306 21.83 32.16 9.49
C LEU B 306 21.43 33.61 9.27
N ARG B 307 20.33 33.87 8.58
CA ARG B 307 19.83 35.23 8.40
C ARG B 307 18.33 35.18 8.25
N ASP B 308 17.70 36.35 8.31
CA ASP B 308 16.26 36.44 8.11
C ASP B 308 15.91 36.04 6.68
N TYR B 309 14.99 35.09 6.54
CA TYR B 309 14.71 34.47 5.25
C TYR B 309 13.20 34.27 5.09
N GLU B 310 12.66 34.68 3.95
CA GLU B 310 11.25 34.51 3.64
C GLU B 310 11.08 33.19 2.89
N LEU B 311 10.24 32.30 3.43
CA LEU B 311 10.03 30.97 2.87
C LEU B 311 8.52 30.74 2.71
N SER B 312 8.06 30.72 1.46
CA SER B 312 6.64 30.52 1.15
C SER B 312 5.73 31.46 1.96
N GLY B 313 6.14 32.73 2.07
CA GLY B 313 5.32 33.72 2.75
C GLY B 313 5.49 33.79 4.24
N VAL B 314 6.42 33.02 4.80
CA VAL B 314 6.70 33.02 6.23
C VAL B 314 8.12 33.53 6.45
N GLN B 315 8.28 34.51 7.34
CA GLN B 315 9.58 35.11 7.60
C GLN B 315 10.31 34.30 8.67
N ILE B 316 11.35 33.60 8.27
CA ILE B 316 12.18 32.82 9.19
C ILE B 316 13.26 33.76 9.73
N LYS B 317 13.32 33.88 11.06
CA LYS B 317 14.26 34.77 11.70
C LYS B 317 15.62 34.09 11.88
N LYS B 318 16.66 34.92 12.02
CA LYS B 318 18.00 34.42 12.28
C LYS B 318 18.05 33.65 13.59
N GLY B 319 18.80 32.56 13.61
CA GLY B 319 18.93 31.72 14.79
C GLY B 319 17.79 30.75 15.01
N GLN B 320 16.68 30.87 14.29
CA GLN B 320 15.55 29.96 14.46
C GLN B 320 15.82 28.64 13.75
N ARG B 321 15.30 27.58 14.32
CA ARG B 321 15.43 26.26 13.73
C ARG B 321 14.24 25.99 12.82
N VAL B 322 14.51 25.28 11.72
CA VAL B 322 13.47 24.73 10.85
C VAL B 322 13.66 23.23 10.82
N VAL B 323 12.57 22.49 11.00
CA VAL B 323 12.61 21.04 11.06
C VAL B 323 11.90 20.51 9.82
N MET B 324 12.68 20.00 8.88
CA MET B 324 12.14 19.42 7.66
C MET B 324 11.56 18.05 7.98
N PHE B 325 10.23 17.91 7.86
CA PHE B 325 9.56 16.65 8.17
C PHE B 325 9.42 15.86 6.88
N TYR B 326 10.42 15.02 6.60
CA TYR B 326 10.39 14.22 5.38
C TYR B 326 9.18 13.31 5.33
N ARG B 327 8.68 12.86 6.50
CA ARG B 327 7.53 11.95 6.48
C ARG B 327 6.29 12.64 5.94
N SER B 328 6.16 13.94 6.16
CA SER B 328 5.08 14.71 5.54
C SER B 328 5.37 14.98 4.08
N ALA B 329 6.59 15.40 3.75
CA ALA B 329 6.92 15.78 2.38
C ALA B 329 6.73 14.62 1.41
N ASN B 330 7.12 13.40 1.82
CA ASN B 330 7.01 12.25 0.92
C ASN B 330 5.58 11.79 0.71
N PHE B 331 4.62 12.47 1.33
CA PHE B 331 3.21 12.23 1.07
C PHE B 331 2.51 13.54 0.69
N ASP B 332 3.26 14.48 0.10
CA ASP B 332 2.71 15.74 -0.38
C ASP B 332 1.77 15.47 -1.55
N GLU B 333 0.50 15.82 -1.37
CA GLU B 333 -0.52 15.51 -2.37
C GLU B 333 -0.35 16.31 -3.66
N GLU B 334 0.46 17.37 -3.64
CA GLU B 334 0.68 18.16 -4.84
C GLU B 334 1.87 17.69 -5.66
N VAL B 335 2.74 16.87 -5.08
CA VAL B 335 3.88 16.30 -5.78
C VAL B 335 3.63 14.87 -6.23
N PHE B 336 2.91 14.11 -5.42
CA PHE B 336 2.63 12.70 -5.70
C PHE B 336 1.15 12.51 -5.98
N GLN B 337 0.82 11.89 -7.11
CA GLN B 337 -0.55 11.47 -7.39
C GLN B 337 -0.85 10.18 -6.63
N ASP B 338 -1.90 10.21 -5.83
CA ASP B 338 -2.24 9.10 -4.95
C ASP B 338 -1.05 8.78 -4.04
N PRO B 339 -0.66 9.71 -3.16
CA PRO B 339 0.54 9.47 -2.33
C PRO B 339 0.33 8.40 -1.28
N PHE B 340 -0.91 8.08 -0.93
CA PHE B 340 -1.22 7.01 -0.01
C PHE B 340 -1.37 5.66 -0.72
N THR B 341 -1.10 5.61 -2.02
CA THR B 341 -0.99 4.35 -2.74
C THR B 341 0.47 3.93 -2.75
N PHE B 342 0.74 2.71 -2.28
CA PHE B 342 2.07 2.13 -2.35
C PHE B 342 2.24 1.53 -3.74
N ASN B 343 3.02 2.19 -4.59
CA ASN B 343 3.14 1.81 -6.00
C ASN B 343 4.62 1.66 -6.34
N ILE B 344 5.09 0.41 -6.38
CA ILE B 344 6.49 0.14 -6.66
C ILE B 344 6.91 0.51 -8.07
N LEU B 345 5.96 0.82 -8.94
CA LEU B 345 6.28 1.30 -10.29
C LEU B 345 6.34 2.82 -10.36
N ARG B 346 6.16 3.52 -9.24
CA ARG B 346 6.15 4.98 -9.25
C ARG B 346 7.43 5.51 -9.88
N ASN B 347 7.28 6.25 -10.97
CA ASN B 347 8.40 6.80 -11.71
C ASN B 347 7.93 7.99 -12.54
N PRO B 348 8.57 9.17 -12.41
CA PRO B 348 9.64 9.40 -11.44
C PRO B 348 9.13 9.44 -10.00
N ASN B 349 10.05 9.45 -9.03
CA ASN B 349 9.74 9.42 -7.61
C ASN B 349 10.62 10.44 -6.92
N PRO B 350 10.21 11.75 -6.91
CA PRO B 350 10.98 12.82 -6.27
C PRO B 350 10.83 12.90 -4.75
N HIS B 351 11.02 11.77 -4.07
CA HIS B 351 10.94 11.73 -2.62
C HIS B 351 12.20 12.30 -2.00
N VAL B 352 12.05 12.82 -0.78
CA VAL B 352 13.17 13.39 -0.05
C VAL B 352 13.54 12.47 1.11
N GLY B 353 13.26 11.16 0.95
CA GLY B 353 13.70 10.20 1.94
C GLY B 353 15.20 10.21 2.16
N PHE B 354 15.97 10.40 1.09
CA PHE B 354 17.40 10.66 1.18
C PHE B 354 17.72 12.13 1.41
N GLY B 355 16.75 12.90 1.90
CA GLY B 355 16.93 14.32 2.10
C GLY B 355 16.66 15.12 0.84
N GLY B 356 16.29 16.38 1.04
CA GLY B 356 16.15 17.28 -0.09
C GLY B 356 17.44 17.37 -0.89
N THR B 357 17.29 17.54 -2.20
CA THR B 357 18.46 17.64 -3.04
C THR B 357 19.26 18.89 -2.70
N GLY B 358 20.58 18.74 -2.62
CA GLY B 358 21.42 19.83 -2.17
C GLY B 358 22.82 19.36 -1.83
N ALA B 359 23.48 20.11 -0.95
CA ALA B 359 24.87 19.84 -0.59
C ALA B 359 25.02 18.65 0.34
N HIS B 360 24.02 18.36 1.18
CA HIS B 360 24.09 17.28 2.14
C HIS B 360 23.32 16.04 1.68
N TYR B 361 22.98 15.96 0.39
CA TYR B 361 22.21 14.82 -0.11
C TYR B 361 22.93 13.51 0.23
N CYS B 362 22.13 12.47 0.45
CA CYS B 362 22.65 11.21 0.99
C CYS B 362 23.65 10.56 0.05
N ILE B 363 24.92 10.52 0.47
CA ILE B 363 25.99 9.98 -0.33
C ILE B 363 25.92 8.45 -0.43
N GLY B 364 25.16 7.80 0.45
CA GLY B 364 24.99 6.36 0.37
C GLY B 364 23.66 5.92 -0.21
N ALA B 365 23.02 6.77 -1.01
CA ALA B 365 21.72 6.40 -1.57
C ALA B 365 21.83 5.16 -2.45
N ASN B 366 22.87 5.07 -3.29
CA ASN B 366 23.02 3.91 -4.15
C ASN B 366 23.41 2.68 -3.35
N LEU B 367 24.22 2.84 -2.31
CA LEU B 367 24.50 1.73 -1.41
C LEU B 367 23.23 1.25 -0.74
N ALA B 368 22.34 2.18 -0.37
CA ALA B 368 21.08 1.81 0.26
C ALA B 368 20.16 1.11 -0.73
N ARG B 369 20.03 1.67 -1.94
CA ARG B 369 19.15 1.07 -2.95
C ARG B 369 19.62 -0.33 -3.33
N MET B 370 20.94 -0.53 -3.41
CA MET B 370 21.46 -1.86 -3.72
C MET B 370 21.16 -2.83 -2.58
N THR B 371 21.42 -2.41 -1.33
CA THR B 371 21.06 -3.24 -0.18
C THR B 371 19.58 -3.57 -0.19
N ILE B 372 18.72 -2.58 -0.43
CA ILE B 372 17.28 -2.83 -0.44
C ILE B 372 16.93 -3.83 -1.53
N ASN B 373 17.37 -3.56 -2.76
CA ASN B 373 16.98 -4.42 -3.90
C ASN B 373 17.47 -5.84 -3.69
N LEU B 374 18.72 -6.01 -3.24
CA LEU B 374 19.27 -7.35 -3.07
C LEU B 374 18.48 -8.19 -2.07
N ILE B 375 18.14 -7.60 -0.92
CA ILE B 375 17.47 -8.40 0.12
C ILE B 375 16.04 -8.72 -0.29
N PHE B 376 15.34 -7.79 -0.97
CA PHE B 376 13.97 -8.07 -1.37
C PHE B 376 13.91 -9.08 -2.50
N ASN B 377 14.91 -9.10 -3.39
CA ASN B 377 15.03 -10.20 -4.34
C ASN B 377 15.24 -11.51 -3.60
N ALA B 378 16.05 -11.49 -2.53
CA ALA B 378 16.30 -12.71 -1.78
C ALA B 378 15.06 -13.16 -1.01
N VAL B 379 14.30 -12.23 -0.45
CA VAL B 379 13.04 -12.58 0.21
C VAL B 379 12.04 -13.15 -0.79
N ALA B 380 11.93 -12.52 -1.96
CA ALA B 380 11.03 -13.04 -2.99
C ALA B 380 11.47 -14.41 -3.47
N ASP B 381 12.77 -14.70 -3.43
CA ASP B 381 13.24 -16.01 -3.87
C ASP B 381 12.97 -17.08 -2.83
N HIS B 382 13.20 -16.78 -1.56
CA HIS B 382 13.21 -17.81 -0.53
C HIS B 382 11.94 -17.84 0.33
N MET B 383 11.26 -16.72 0.52
CA MET B 383 10.03 -16.66 1.32
C MET B 383 8.96 -15.92 0.54
N PRO B 384 8.50 -16.48 -0.58
CA PRO B 384 7.52 -15.76 -1.40
C PRO B 384 6.15 -15.62 -0.75
N ASP B 385 5.83 -16.45 0.25
CA ASP B 385 4.52 -16.43 0.87
C ASP B 385 4.56 -16.00 2.34
N LEU B 386 5.54 -15.18 2.70
CA LEU B 386 5.69 -14.76 4.08
C LEU B 386 4.55 -13.84 4.50
N LYS B 387 4.09 -14.02 5.75
CA LYS B 387 2.96 -13.30 6.31
C LYS B 387 3.30 -12.83 7.72
N PRO B 388 2.82 -11.66 8.12
CA PRO B 388 3.10 -11.18 9.48
C PRO B 388 2.28 -11.91 10.53
N ILE B 389 2.89 -12.09 11.70
CA ILE B 389 2.22 -12.73 12.82
C ILE B 389 1.53 -11.69 13.69
N SER B 390 2.28 -10.71 14.17
CA SER B 390 1.79 -9.70 15.10
C SER B 390 2.18 -8.31 14.64
N ALA B 391 1.63 -7.31 15.33
CA ALA B 391 1.90 -5.91 15.00
C ALA B 391 3.36 -5.56 15.27
N PRO B 392 3.94 -4.67 14.47
CA PRO B 392 5.35 -4.29 14.70
C PRO B 392 5.48 -3.37 15.89
N GLU B 393 6.67 -3.41 16.50
CA GLU B 393 6.98 -2.62 17.69
C GLU B 393 7.80 -1.41 17.26
N ARG B 394 7.19 -0.23 17.37
CA ARG B 394 7.84 0.99 16.91
C ARG B 394 8.91 1.44 17.91
N LEU B 395 9.84 2.26 17.40
CA LEU B 395 10.95 2.77 18.20
C LEU B 395 10.64 4.18 18.69
N ARG B 396 10.93 4.43 19.96
CA ARG B 396 10.70 5.75 20.55
C ARG B 396 11.84 6.69 20.17
N SER B 397 11.54 7.68 19.33
CA SER B 397 12.52 8.63 18.85
C SER B 397 11.80 9.84 18.30
N GLY B 398 12.40 11.02 18.47
CA GLY B 398 11.79 12.22 17.94
C GLY B 398 12.09 12.50 16.48
N TRP B 399 13.02 11.76 15.88
CA TRP B 399 13.42 11.99 14.50
C TRP B 399 13.62 10.71 13.69
N LEU B 400 14.04 9.61 14.30
CA LEU B 400 14.19 8.35 13.58
C LEU B 400 12.86 7.59 13.56
N ASN B 401 12.55 6.99 12.42
CA ASN B 401 11.36 6.16 12.24
C ASN B 401 11.83 4.71 12.25
N GLY B 402 11.70 4.05 13.39
CA GLY B 402 12.27 2.74 13.60
C GLY B 402 11.24 1.69 13.95
N ILE B 403 11.54 0.44 13.59
CA ILE B 403 10.78 -0.73 14.00
C ILE B 403 11.76 -1.63 14.73
N LYS B 404 11.54 -1.81 16.04
CA LYS B 404 12.43 -2.63 16.85
C LYS B 404 12.26 -4.11 16.53
N HIS B 405 11.02 -4.60 16.54
CA HIS B 405 10.74 -6.01 16.35
C HIS B 405 9.45 -6.16 15.55
N TRP B 406 9.31 -7.33 14.91
CA TRP B 406 8.16 -7.62 14.07
C TRP B 406 8.11 -9.12 13.75
N GLN B 407 7.21 -9.85 14.40
CA GLN B 407 7.14 -11.29 14.19
C GLN B 407 6.50 -11.59 12.85
N VAL B 408 7.13 -12.47 12.08
CA VAL B 408 6.68 -12.81 10.74
C VAL B 408 6.76 -14.32 10.58
N ASP B 409 5.76 -14.90 9.90
CA ASP B 409 5.80 -16.30 9.47
C ASP B 409 6.27 -16.35 8.01
N TYR B 410 7.42 -16.98 7.79
CA TYR B 410 8.04 -17.00 6.46
C TYR B 410 7.50 -18.10 5.55
N THR B 411 6.90 -19.15 6.10
CA THR B 411 6.56 -20.32 5.30
C THR B 411 5.13 -20.25 4.77
N GLY B 412 4.14 -20.13 5.66
CA GLY B 412 2.76 -20.11 5.23
C GLY B 412 1.86 -19.24 6.10
N SER C 4 -15.38 17.46 1.73
CA SER C 4 -14.76 16.15 1.91
C SER C 4 -13.64 16.20 2.95
N PRO C 5 -13.63 15.22 3.86
CA PRO C 5 -12.63 15.21 4.93
C PRO C 5 -11.27 14.75 4.43
N ASN C 6 -10.22 15.41 4.93
CA ASN C 6 -8.86 15.10 4.54
C ASN C 6 -8.40 13.78 5.13
N LEU C 7 -9.04 12.69 4.70
CA LEU C 7 -8.74 11.36 5.19
C LEU C 7 -8.10 10.54 4.08
N PRO C 8 -7.26 9.56 4.42
CA PRO C 8 -6.65 8.74 3.36
C PRO C 8 -7.70 7.88 2.69
N PRO C 9 -7.59 7.64 1.39
CA PRO C 9 -8.64 6.90 0.66
C PRO C 9 -8.86 5.51 1.25
N GLY C 10 -10.12 5.20 1.53
CA GLY C 10 -10.49 3.89 2.06
C GLY C 10 -10.44 3.76 3.57
N PHE C 11 -10.38 4.87 4.31
CA PHE C 11 -10.27 4.80 5.76
C PHE C 11 -11.52 4.20 6.37
N ASP C 12 -11.33 3.28 7.32
CA ASP C 12 -12.42 2.64 8.05
C ASP C 12 -12.15 2.79 9.54
N PHE C 13 -13.01 3.53 10.23
CA PHE C 13 -12.85 3.78 11.67
C PHE C 13 -13.19 2.56 12.52
N THR C 14 -13.53 1.42 11.91
CA THR C 14 -13.72 0.16 12.62
C THR C 14 -12.62 -0.85 12.30
N ASP C 15 -11.61 -0.45 11.55
CA ASP C 15 -10.52 -1.35 11.19
C ASP C 15 -9.73 -1.73 12.44
N PRO C 16 -9.70 -3.00 12.84
CA PRO C 16 -8.95 -3.35 14.05
C PRO C 16 -7.47 -3.11 13.94
N ALA C 17 -6.92 -3.02 12.73
CA ALA C 17 -5.49 -2.76 12.57
C ALA C 17 -5.10 -1.40 13.11
N ILE C 18 -6.01 -0.43 13.00
CA ILE C 18 -5.74 0.90 13.54
C ILE C 18 -5.63 0.82 15.06
N TYR C 19 -6.64 0.22 15.70
CA TYR C 19 -6.70 0.23 17.15
C TYR C 19 -5.69 -0.71 17.79
N ALA C 20 -5.06 -1.59 17.02
CA ALA C 20 -3.93 -2.32 17.55
C ALA C 20 -2.68 -1.46 17.65
N GLU C 21 -2.67 -0.30 16.98
CA GLU C 21 -1.55 0.63 16.98
C GLU C 21 -1.84 1.93 17.71
N ARG C 22 -3.01 2.51 17.51
CA ARG C 22 -3.30 3.83 18.05
C ARG C 22 -4.80 4.04 18.07
N LEU C 23 -5.22 5.11 18.70
CA LEU C 23 -6.58 5.60 18.58
C LEU C 23 -6.63 6.71 17.55
N PRO C 24 -7.52 6.66 16.58
CA PRO C 24 -7.50 7.66 15.51
C PRO C 24 -7.97 9.03 15.94
N VAL C 25 -7.23 9.67 16.85
CA VAL C 25 -7.70 10.93 17.42
C VAL C 25 -7.79 12.00 16.35
N ALA C 26 -6.71 12.20 15.60
CA ALA C 26 -6.68 13.26 14.61
C ALA C 26 -7.67 13.02 13.48
N GLU C 27 -7.94 11.75 13.16
CA GLU C 27 -8.92 11.45 12.12
C GLU C 27 -10.35 11.69 12.61
N PHE C 28 -10.62 11.35 13.87
CA PHE C 28 -11.91 11.68 14.46
C PHE C 28 -12.13 13.18 14.51
N ALA C 29 -11.07 13.94 14.81
CA ALA C 29 -11.20 15.39 14.86
C ALA C 29 -11.46 15.98 13.47
N GLU C 30 -10.83 15.41 12.44
CA GLU C 30 -11.07 15.91 11.07
C GLU C 30 -12.51 15.68 10.66
N LEU C 31 -13.11 14.56 11.07
CA LEU C 31 -14.53 14.34 10.80
C LEU C 31 -15.40 15.32 11.58
N ARG C 32 -14.99 15.68 12.79
CA ARG C 32 -15.78 16.65 13.54
C ARG C 32 -15.72 18.04 12.92
N SER C 33 -14.70 18.31 12.12
CA SER C 33 -14.53 19.63 11.52
C SER C 33 -15.01 19.71 10.08
N ALA C 34 -15.05 18.59 9.36
CA ALA C 34 -15.36 18.57 7.94
C ALA C 34 -16.64 17.82 7.61
N ALA C 35 -16.95 16.73 8.31
CA ALA C 35 -18.15 15.94 8.03
C ALA C 35 -18.58 15.24 9.32
N PRO C 36 -19.30 15.95 10.21
CA PRO C 36 -19.68 15.33 11.49
C PRO C 36 -20.42 14.01 11.32
N ILE C 37 -21.26 13.89 10.29
CA ILE C 37 -21.89 12.64 9.90
C ILE C 37 -21.33 12.28 8.54
N TRP C 38 -20.47 11.26 8.52
CA TRP C 38 -19.72 10.88 7.33
C TRP C 38 -20.02 9.44 6.97
N TRP C 39 -20.14 9.17 5.67
CA TRP C 39 -20.37 7.80 5.20
C TRP C 39 -19.03 7.07 5.12
N ASN C 40 -18.88 6.03 5.95
CA ASN C 40 -17.69 5.18 5.98
C ASN C 40 -18.00 3.94 5.14
N GLY C 41 -17.59 3.96 3.87
CA GLY C 41 -17.83 2.82 3.01
C GLY C 41 -16.88 1.67 3.30
N GLN C 42 -17.35 0.45 3.00
CA GLN C 42 -16.57 -0.76 3.22
C GLN C 42 -16.59 -1.63 1.97
N ASP C 43 -15.42 -2.13 1.58
CA ASP C 43 -15.30 -3.03 0.44
C ASP C 43 -16.05 -4.33 0.68
N PRO C 44 -16.41 -5.05 -0.38
CA PRO C 44 -17.05 -6.36 -0.20
C PRO C 44 -16.13 -7.31 0.56
N GLY C 45 -16.67 -7.92 1.62
CA GLY C 45 -15.90 -8.82 2.45
C GLY C 45 -15.01 -8.14 3.47
N LYS C 46 -15.07 -6.82 3.59
CA LYS C 46 -14.29 -6.08 4.57
C LYS C 46 -15.20 -5.32 5.54
N GLY C 47 -16.40 -5.84 5.77
CA GLY C 47 -17.36 -5.15 6.60
C GLY C 47 -17.45 -5.67 8.02
N GLY C 48 -16.43 -6.42 8.45
CA GLY C 48 -16.43 -6.98 9.80
C GLY C 48 -17.63 -7.85 10.11
N GLY C 49 -18.17 -8.55 9.12
CA GLY C 49 -19.32 -9.42 9.31
C GLY C 49 -20.59 -8.90 8.67
N PHE C 50 -20.67 -7.61 8.39
CA PHE C 50 -21.81 -7.00 7.74
C PHE C 50 -21.47 -6.69 6.29
N HIS C 51 -22.48 -6.75 5.43
CA HIS C 51 -22.29 -6.68 3.98
C HIS C 51 -23.24 -5.67 3.35
N ASP C 52 -23.34 -4.49 3.96
CA ASP C 52 -24.28 -3.47 3.54
C ASP C 52 -23.62 -2.29 2.83
N GLY C 53 -22.31 -2.34 2.59
CA GLY C 53 -21.60 -1.29 1.92
C GLY C 53 -20.90 -0.29 2.84
N GLY C 54 -21.28 -0.24 4.12
CA GLY C 54 -20.65 0.65 5.07
C GLY C 54 -21.63 1.07 6.15
N PHE C 55 -21.24 2.11 6.88
CA PHE C 55 -22.01 2.63 7.99
C PHE C 55 -21.87 4.15 8.02
N TRP C 56 -22.60 4.78 8.94
CA TRP C 56 -22.54 6.22 9.15
C TRP C 56 -21.69 6.53 10.38
N ALA C 57 -20.56 7.19 10.16
CA ALA C 57 -19.68 7.56 11.26
C ALA C 57 -20.30 8.71 12.04
N ILE C 58 -20.70 8.43 13.28
CA ILE C 58 -21.26 9.43 14.19
C ILE C 58 -20.14 9.89 15.11
N THR C 59 -19.84 11.19 15.08
CA THR C 59 -18.69 11.74 15.79
C THR C 59 -19.02 12.88 16.73
N LYS C 60 -20.26 13.37 16.77
CA LYS C 60 -20.63 14.45 17.67
C LYS C 60 -21.41 13.91 18.85
N LEU C 61 -21.12 14.46 20.04
CA LEU C 61 -21.76 13.98 21.26
C LEU C 61 -23.27 14.18 21.20
N ASN C 62 -23.73 15.29 20.60
CA ASN C 62 -25.17 15.52 20.50
C ASN C 62 -25.84 14.51 19.58
N ASP C 63 -25.16 14.13 18.49
CA ASP C 63 -25.71 13.14 17.58
C ASP C 63 -25.72 11.75 18.21
N VAL C 64 -24.69 11.42 19.00
CA VAL C 64 -24.70 10.17 19.75
C VAL C 64 -25.84 10.16 20.76
N LYS C 65 -26.03 11.27 21.48
CA LYS C 65 -27.12 11.35 22.44
C LYS C 65 -28.48 11.26 21.75
N GLU C 66 -28.63 11.91 20.60
CA GLU C 66 -29.90 11.87 19.89
C GLU C 66 -30.23 10.46 19.41
N ILE C 67 -29.23 9.75 18.85
CA ILE C 67 -29.44 8.38 18.41
C ILE C 67 -29.79 7.49 19.59
N SER C 68 -29.11 7.69 20.72
CA SER C 68 -29.35 6.84 21.88
C SER C 68 -30.70 7.13 22.52
N ARG C 69 -31.14 8.39 22.47
CA ARG C 69 -32.43 8.75 23.05
C ARG C 69 -33.57 8.20 22.21
N HIS C 70 -33.52 8.40 20.90
CA HIS C 70 -34.54 7.91 19.98
C HIS C 70 -34.31 6.43 19.66
N SER C 71 -34.39 5.61 20.72
CA SER C 71 -34.17 4.18 20.58
C SER C 71 -35.28 3.49 19.79
N ASP C 72 -36.45 4.13 19.68
CA ASP C 72 -37.55 3.55 18.92
C ASP C 72 -37.26 3.47 17.42
N VAL C 73 -36.36 4.30 16.92
CA VAL C 73 -35.99 4.27 15.51
C VAL C 73 -34.60 3.71 15.27
N PHE C 74 -33.69 3.78 16.26
CA PHE C 74 -32.33 3.27 16.13
C PHE C 74 -32.22 2.01 16.97
N SER C 75 -32.37 0.86 16.32
CA SER C 75 -32.50 -0.41 17.00
C SER C 75 -31.15 -1.02 17.33
N SER C 76 -31.10 -1.72 18.46
CA SER C 76 -29.97 -2.57 18.81
C SER C 76 -30.17 -4.01 18.37
N TYR C 77 -31.43 -4.43 18.15
CA TYR C 77 -31.74 -5.82 17.84
C TYR C 77 -31.37 -6.17 16.40
N GLU C 78 -31.55 -5.23 15.46
CA GLU C 78 -31.52 -5.56 14.04
C GLU C 78 -30.18 -6.17 13.63
N ASN C 79 -29.07 -5.54 14.03
CA ASN C 79 -27.74 -6.02 13.68
C ASN C 79 -26.80 -6.11 14.87
N GLY C 80 -27.32 -5.98 16.10
CA GLY C 80 -26.47 -5.93 17.27
C GLY C 80 -25.83 -4.57 17.40
N VAL C 81 -25.12 -4.38 18.51
CA VAL C 81 -24.43 -3.12 18.78
C VAL C 81 -22.94 -3.20 18.56
N ILE C 82 -22.38 -4.39 18.38
CA ILE C 82 -20.96 -4.51 18.06
C ILE C 82 -20.79 -4.24 16.58
N PRO C 83 -19.97 -3.25 16.19
CA PRO C 83 -19.85 -2.88 14.77
C PRO C 83 -18.80 -3.65 13.98
N ARG C 84 -18.00 -4.52 14.60
CA ARG C 84 -16.89 -5.16 13.89
C ARG C 84 -16.61 -6.54 14.49
N PHE C 85 -16.69 -7.56 13.65
CA PHE C 85 -16.25 -8.91 13.96
C PHE C 85 -15.18 -9.32 12.95
N LYS C 86 -14.83 -10.61 12.97
CA LYS C 86 -14.05 -11.15 11.87
C LYS C 86 -14.86 -11.05 10.58
N ASN C 87 -14.17 -10.86 9.47
CA ASN C 87 -14.86 -10.68 8.19
C ASN C 87 -15.56 -11.95 7.72
N ASP C 88 -15.21 -13.12 8.27
CA ASP C 88 -15.74 -14.39 7.82
C ASP C 88 -16.78 -14.98 8.77
N ILE C 89 -17.38 -14.15 9.63
CA ILE C 89 -18.34 -14.65 10.61
C ILE C 89 -19.67 -14.95 9.91
N ALA C 90 -20.29 -16.08 10.27
CA ALA C 90 -21.60 -16.39 9.76
C ALA C 90 -22.65 -15.48 10.40
N ARG C 91 -23.70 -15.18 9.64
CA ARG C 91 -24.72 -14.27 10.12
C ARG C 91 -25.36 -14.76 11.41
N GLU C 92 -25.49 -16.08 11.58
CA GLU C 92 -26.16 -16.61 12.76
C GLU C 92 -25.39 -16.26 14.03
N ASP C 93 -24.05 -16.23 13.94
CA ASP C 93 -23.25 -15.90 15.13
C ASP C 93 -23.46 -14.45 15.56
N ILE C 94 -23.74 -13.55 14.62
CA ILE C 94 -24.10 -12.19 14.99
C ILE C 94 -25.51 -12.18 15.59
N GLU C 95 -26.42 -12.99 15.03
CA GLU C 95 -27.81 -12.99 15.49
C GLU C 95 -27.98 -13.69 16.84
N VAL C 96 -27.01 -14.52 17.24
CA VAL C 96 -27.08 -15.15 18.55
C VAL C 96 -26.92 -14.10 19.64
N GLN C 97 -26.21 -13.01 19.34
CA GLN C 97 -26.12 -11.87 20.25
C GLN C 97 -27.49 -11.34 20.67
N ARG C 98 -28.54 -11.67 19.93
CA ARG C 98 -29.88 -11.21 20.25
C ARG C 98 -30.45 -11.85 21.51
N PHE C 99 -29.74 -12.80 22.10
CA PHE C 99 -30.18 -13.45 23.33
C PHE C 99 -29.73 -12.71 24.59
N VAL C 100 -28.95 -11.64 24.45
CA VAL C 100 -28.53 -10.83 25.58
C VAL C 100 -29.29 -9.51 25.53
N MET C 101 -29.48 -8.92 26.72
CA MET C 101 -30.34 -7.73 26.85
C MET C 101 -29.82 -6.56 26.03
N LEU C 102 -28.51 -6.49 25.80
CA LEU C 102 -27.93 -5.32 25.14
C LEU C 102 -28.29 -5.24 23.66
N ASN C 103 -28.57 -6.37 23.03
CA ASN C 103 -28.93 -6.42 21.62
C ASN C 103 -30.41 -6.72 21.43
N MET C 104 -31.25 -6.21 22.31
CA MET C 104 -32.69 -6.33 22.18
C MET C 104 -33.34 -4.95 22.17
N ASP C 105 -34.54 -4.88 21.60
CA ASP C 105 -35.35 -3.67 21.60
C ASP C 105 -36.57 -3.87 22.51
N ALA C 106 -37.28 -2.78 22.75
CA ALA C 106 -38.56 -2.86 23.44
C ALA C 106 -39.58 -3.58 22.55
N PRO C 107 -40.55 -4.28 23.15
CA PRO C 107 -40.75 -4.43 24.61
C PRO C 107 -39.93 -5.56 25.23
N HIS C 108 -39.19 -6.30 24.39
CA HIS C 108 -38.36 -7.40 24.89
C HIS C 108 -37.31 -6.89 25.87
N HIS C 109 -36.71 -5.72 25.58
CA HIS C 109 -35.60 -5.24 26.37
C HIS C 109 -36.04 -4.55 27.66
N THR C 110 -37.16 -3.84 27.63
CA THR C 110 -37.56 -3.09 28.82
C THR C 110 -38.01 -4.02 29.94
N ARG C 111 -38.50 -5.22 29.61
CA ARG C 111 -38.86 -6.17 30.65
C ARG C 111 -37.64 -6.62 31.43
N LEU C 112 -36.60 -7.10 30.71
CA LEU C 112 -35.39 -7.54 31.37
C LEU C 112 -34.70 -6.41 32.12
N ARG C 113 -34.62 -5.23 31.49
CA ARG C 113 -34.00 -4.07 32.13
C ARG C 113 -34.62 -3.78 33.49
N LYS C 114 -35.94 -3.98 33.61
CA LYS C 114 -36.60 -3.79 34.91
C LYS C 114 -36.16 -4.84 35.91
N ILE C 115 -36.09 -6.11 35.49
CA ILE C 115 -35.69 -7.18 36.40
C ILE C 115 -34.21 -7.14 36.70
N ILE C 116 -33.39 -6.69 35.73
CA ILE C 116 -31.95 -6.67 35.95
C ILE C 116 -31.56 -5.46 36.79
N SER C 117 -32.30 -4.35 36.69
CA SER C 117 -31.98 -3.16 37.47
C SER C 117 -32.01 -3.42 38.97
N ARG C 118 -32.62 -4.51 39.41
CA ARG C 118 -32.69 -4.81 40.83
C ARG C 118 -31.30 -4.99 41.43
N GLY C 119 -30.38 -5.57 40.66
CA GLY C 119 -29.04 -5.90 41.12
C GLY C 119 -28.02 -4.81 40.98
N PHE C 120 -28.35 -3.69 40.36
CA PHE C 120 -27.41 -2.60 40.13
C PHE C 120 -27.90 -1.29 40.74
N THR C 121 -28.74 -1.38 41.77
CA THR C 121 -29.19 -0.19 42.48
C THR C 121 -28.05 0.37 43.32
N PRO C 122 -28.11 1.66 43.68
CA PRO C 122 -27.03 2.24 44.51
C PRO C 122 -26.79 1.49 45.81
N ARG C 123 -27.82 0.82 46.34
CA ARG C 123 -27.65 0.05 47.58
C ARG C 123 -27.09 -1.33 47.29
N ALA C 124 -27.62 -2.02 46.27
CA ALA C 124 -27.12 -3.34 45.92
C ALA C 124 -25.68 -3.28 45.41
N VAL C 125 -25.24 -2.11 44.94
CA VAL C 125 -23.83 -1.94 44.57
C VAL C 125 -23.01 -1.58 45.80
N GLY C 126 -23.51 -0.68 46.64
CA GLY C 126 -22.83 -0.33 47.87
C GLY C 126 -22.60 -1.51 48.78
N ARG C 127 -23.43 -2.56 48.68
CA ARG C 127 -23.23 -3.77 49.46
C ARG C 127 -21.91 -4.46 49.12
N LEU C 128 -21.32 -4.16 47.96
CA LEU C 128 -20.05 -4.74 47.57
C LEU C 128 -18.87 -3.84 47.91
N HIS C 129 -19.11 -2.72 48.60
CA HIS C 129 -18.06 -1.73 48.82
C HIS C 129 -16.92 -2.27 49.67
N ASP C 130 -17.25 -2.84 50.84
CA ASP C 130 -16.21 -3.23 51.78
C ASP C 130 -15.37 -4.38 51.25
N GLU C 131 -16.00 -5.40 50.68
CA GLU C 131 -15.24 -6.54 50.18
C GLU C 131 -14.37 -6.17 48.99
N LEU C 132 -14.76 -5.17 48.19
CA LEU C 132 -13.92 -4.75 47.07
C LEU C 132 -12.83 -3.77 47.49
N GLN C 133 -13.10 -2.94 48.49
CA GLN C 133 -12.04 -2.06 49.00
C GLN C 133 -10.93 -2.87 49.65
N GLU C 134 -11.29 -3.93 50.38
CA GLU C 134 -10.28 -4.81 50.95
C GLU C 134 -9.45 -5.45 49.85
N ARG C 135 -10.11 -5.98 48.82
CA ARG C 135 -9.38 -6.62 47.73
C ARG C 135 -8.53 -5.62 46.98
N ALA C 136 -9.04 -4.40 46.76
CA ALA C 136 -8.25 -3.39 46.06
C ALA C 136 -7.01 -3.00 46.85
N GLN C 137 -7.16 -2.87 48.18
CA GLN C 137 -5.99 -2.57 49.01
C GLN C 137 -4.95 -3.67 48.91
N LYS C 138 -5.41 -4.93 48.87
CA LYS C 138 -4.47 -6.05 48.77
C LYS C 138 -3.80 -6.09 47.40
N ILE C 139 -4.58 -5.86 46.34
CA ILE C 139 -4.03 -5.87 44.99
C ILE C 139 -2.91 -4.84 44.86
N ALA C 140 -3.16 -3.62 45.35
CA ALA C 140 -2.15 -2.56 45.30
C ALA C 140 -0.92 -2.92 46.14
N ALA C 141 -1.15 -3.41 47.37
CA ALA C 141 -0.04 -3.77 48.24
C ALA C 141 0.78 -4.93 47.67
N GLU C 142 0.10 -5.91 47.06
CA GLU C 142 0.82 -7.01 46.42
C GLU C 142 1.61 -6.52 45.22
N ALA C 143 1.01 -5.68 44.38
CA ALA C 143 1.73 -5.16 43.22
C ALA C 143 2.89 -4.27 43.65
N ALA C 144 2.67 -3.38 44.62
CA ALA C 144 3.77 -2.54 45.08
C ALA C 144 4.93 -3.36 45.62
N ALA C 145 4.63 -4.49 46.27
CA ALA C 145 5.70 -5.32 46.83
C ALA C 145 6.48 -6.04 45.73
N ALA C 146 5.86 -6.27 44.57
CA ALA C 146 6.56 -6.87 43.44
C ALA C 146 7.54 -5.90 42.79
N GLY C 147 7.48 -4.62 43.10
CA GLY C 147 8.39 -3.62 42.53
C GLY C 147 8.06 -3.17 41.13
N SER C 148 7.93 -4.11 40.20
CA SER C 148 7.63 -3.80 38.81
C SER C 148 6.92 -4.97 38.18
N GLY C 149 6.19 -4.69 37.10
CA GLY C 149 5.49 -5.74 36.39
C GLY C 149 4.39 -5.16 35.50
N ASP C 150 3.55 -6.07 35.03
CA ASP C 150 2.46 -5.74 34.12
C ASP C 150 1.31 -5.12 34.90
N PHE C 151 1.12 -3.81 34.74
CA PHE C 151 0.05 -3.10 35.43
C PHE C 151 -1.32 -3.67 35.06
N VAL C 152 -1.50 -4.12 33.82
CA VAL C 152 -2.79 -4.67 33.42
C VAL C 152 -3.09 -5.93 34.22
N GLU C 153 -2.11 -6.84 34.32
CA GLU C 153 -2.33 -8.10 35.01
C GLU C 153 -2.38 -7.90 36.52
N GLN C 154 -1.54 -7.03 37.06
CA GLN C 154 -1.34 -6.94 38.50
C GLN C 154 -2.23 -5.93 39.19
N VAL C 155 -2.79 -4.95 38.47
CA VAL C 155 -3.59 -3.91 39.11
C VAL C 155 -4.98 -3.82 38.50
N SER C 156 -5.07 -3.93 37.17
CA SER C 156 -6.33 -3.63 36.48
C SER C 156 -7.23 -4.84 36.26
N CYS C 157 -6.67 -6.04 36.17
CA CYS C 157 -7.43 -7.19 35.68
C CYS C 157 -8.36 -7.77 36.74
N GLU C 158 -7.88 -7.93 37.98
CA GLU C 158 -8.57 -8.76 38.95
C GLU C 158 -9.79 -8.07 39.55
N LEU C 159 -9.64 -6.83 40.02
CA LEU C 159 -10.72 -6.21 40.78
C LEU C 159 -12.05 -6.16 40.02
N PRO C 160 -12.11 -5.80 38.72
CA PRO C 160 -13.40 -5.90 38.03
C PRO C 160 -13.99 -7.29 38.05
N LEU C 161 -13.16 -8.33 37.84
CA LEU C 161 -13.66 -9.70 37.90
C LEU C 161 -14.14 -10.06 39.31
N GLN C 162 -13.54 -9.47 40.35
CA GLN C 162 -14.03 -9.74 41.70
C GLN C 162 -15.38 -9.07 41.93
N ALA C 163 -15.62 -7.92 41.30
CA ALA C 163 -16.92 -7.26 41.43
C ALA C 163 -18.01 -8.09 40.77
N ILE C 164 -17.69 -8.76 39.66
CA ILE C 164 -18.64 -9.66 39.03
C ILE C 164 -18.94 -10.85 39.93
N ALA C 165 -17.89 -11.46 40.49
CA ALA C 165 -18.09 -12.64 41.31
C ALA C 165 -18.85 -12.32 42.60
N GLY C 166 -18.67 -11.12 43.14
CA GLY C 166 -19.38 -10.78 44.36
C GLY C 166 -20.84 -10.48 44.13
N LEU C 167 -21.17 -9.81 43.03
CA LEU C 167 -22.56 -9.51 42.72
C LEU C 167 -23.37 -10.79 42.53
N LEU C 168 -22.77 -11.80 41.90
CA LEU C 168 -23.43 -13.07 41.69
C LEU C 168 -23.22 -14.05 42.82
N GLY C 169 -22.33 -13.75 43.78
CA GLY C 169 -22.08 -14.65 44.88
C GLY C 169 -21.40 -15.95 44.50
N VAL C 170 -20.47 -15.89 43.55
CA VAL C 170 -19.73 -17.08 43.12
C VAL C 170 -18.83 -17.54 44.25
N PRO C 171 -18.90 -18.81 44.67
CA PRO C 171 -18.01 -19.28 45.75
C PRO C 171 -16.55 -19.13 45.37
N GLN C 172 -15.72 -18.86 46.38
CA GLN C 172 -14.31 -18.56 46.14
C GLN C 172 -13.64 -19.62 45.28
N GLU C 173 -14.01 -20.88 45.47
CA GLU C 173 -13.40 -22.00 44.76
C GLU C 173 -13.87 -22.13 43.31
N ASP C 174 -14.79 -21.28 42.85
CA ASP C 174 -15.25 -21.30 41.48
C ASP C 174 -14.82 -20.08 40.68
N ARG C 175 -14.10 -19.14 41.31
CA ARG C 175 -13.85 -17.85 40.67
C ARG C 175 -12.76 -17.95 39.60
N GLY C 176 -11.64 -18.60 39.92
CA GLY C 176 -10.58 -18.74 38.93
C GLY C 176 -11.08 -19.40 37.66
N LYS C 177 -11.91 -20.43 37.82
CA LYS C 177 -12.57 -21.06 36.68
C LYS C 177 -13.51 -20.09 35.98
N LEU C 178 -14.29 -19.32 36.76
CA LEU C 178 -15.19 -18.33 36.17
C LEU C 178 -14.41 -17.20 35.49
N PHE C 179 -13.31 -16.76 36.11
CA PHE C 179 -12.50 -15.71 35.50
C PHE C 179 -11.92 -16.18 34.18
N HIS C 180 -11.66 -17.47 34.05
CA HIS C 180 -11.05 -18.00 32.83
C HIS C 180 -11.97 -17.84 31.63
N TRP C 181 -13.26 -18.16 31.80
CA TRP C 181 -14.20 -18.04 30.67
C TRP C 181 -14.47 -16.58 30.33
N SER C 182 -14.53 -15.72 31.36
CA SER C 182 -14.84 -14.32 31.12
C SER C 182 -13.75 -13.64 30.29
N ASN C 183 -12.51 -14.08 30.44
CA ASN C 183 -11.42 -13.49 29.68
C ASN C 183 -11.22 -14.11 28.31
N GLU C 184 -11.64 -15.37 28.12
CA GLU C 184 -11.64 -16.00 26.80
C GLU C 184 -12.91 -15.67 26.03
N MET C 185 -13.43 -14.46 26.20
CA MET C 185 -14.70 -14.07 25.61
C MET C 185 -14.61 -12.93 24.62
N THR C 186 -13.67 -12.00 24.82
CA THR C 186 -13.37 -10.99 23.83
C THR C 186 -11.87 -10.87 23.68
N GLY C 187 -11.42 -10.47 22.50
CA GLY C 187 -10.00 -10.35 22.19
C GLY C 187 -9.51 -11.31 21.14
N ASN C 188 -10.38 -12.15 20.57
CA ASN C 188 -9.95 -13.15 19.60
C ASN C 188 -9.46 -12.52 18.30
N GLU C 189 -9.76 -11.24 18.06
CA GLU C 189 -9.25 -10.56 16.88
C GLU C 189 -7.77 -10.18 17.02
N ASP C 190 -7.22 -10.25 18.22
CA ASP C 190 -5.80 -9.97 18.44
C ASP C 190 -5.00 -11.27 18.32
N PRO C 191 -3.85 -11.24 17.64
CA PRO C 191 -3.09 -12.48 17.45
C PRO C 191 -2.58 -13.10 18.75
N GLU C 192 -2.51 -12.34 19.85
CA GLU C 192 -2.12 -12.93 21.13
C GLU C 192 -3.18 -13.90 21.65
N TYR C 193 -4.45 -13.70 21.30
CA TYR C 193 -5.55 -14.55 21.73
C TYR C 193 -6.29 -15.17 20.54
N ALA C 194 -5.53 -15.59 19.51
CA ALA C 194 -6.14 -16.31 18.40
C ALA C 194 -6.67 -17.69 18.81
N HIS C 195 -6.29 -18.18 19.98
CA HIS C 195 -6.68 -19.51 20.46
C HIS C 195 -8.02 -19.54 21.17
N ILE C 196 -8.45 -18.43 21.78
CA ILE C 196 -9.67 -18.44 22.58
C ILE C 196 -10.87 -18.75 21.69
N ASP C 197 -11.84 -19.45 22.26
CA ASP C 197 -13.07 -19.86 21.56
C ASP C 197 -14.26 -19.19 22.22
N PRO C 198 -14.81 -18.13 21.63
CA PRO C 198 -15.89 -17.40 22.30
C PRO C 198 -17.14 -18.23 22.50
N LYS C 199 -17.44 -19.15 21.58
CA LYS C 199 -18.63 -19.99 21.73
C LYS C 199 -18.43 -21.04 22.81
N ALA C 200 -17.21 -21.56 22.96
CA ALA C 200 -16.97 -22.60 23.96
C ALA C 200 -17.14 -22.06 25.37
N SER C 201 -16.50 -20.93 25.67
CA SER C 201 -16.63 -20.33 26.99
C SER C 201 -18.06 -19.85 27.23
N SER C 202 -18.77 -19.46 26.18
CA SER C 202 -20.17 -19.08 26.31
C SER C 202 -20.99 -20.24 26.89
N ALA C 203 -20.82 -21.44 26.33
CA ALA C 203 -21.55 -22.59 26.84
C ALA C 203 -21.12 -22.93 28.27
N GLU C 204 -19.83 -22.77 28.57
CA GLU C 204 -19.35 -23.07 29.92
C GLU C 204 -19.92 -22.09 30.94
N LEU C 205 -20.04 -20.82 30.56
CA LEU C 205 -20.65 -19.83 31.45
C LEU C 205 -22.14 -20.10 31.64
N ILE C 206 -22.84 -20.45 30.54
CA ILE C 206 -24.26 -20.78 30.64
C ILE C 206 -24.45 -22.02 31.50
N GLY C 207 -23.61 -23.03 31.34
CA GLY C 207 -23.74 -24.24 32.12
C GLY C 207 -23.52 -24.00 33.61
N TYR C 208 -22.56 -23.15 33.95
CA TYR C 208 -22.34 -22.82 35.36
C TYR C 208 -23.45 -21.92 35.89
N ALA C 209 -24.06 -21.10 35.03
CA ALA C 209 -25.14 -20.22 35.47
C ALA C 209 -26.39 -21.01 35.85
N MET C 210 -26.81 -21.92 34.98
CA MET C 210 -27.97 -22.76 35.30
C MET C 210 -27.68 -23.62 36.53
N LYS C 211 -26.45 -24.15 36.63
CA LYS C 211 -26.09 -24.95 37.79
C LYS C 211 -26.29 -24.18 39.09
N MET C 212 -25.88 -22.91 39.12
CA MET C 212 -26.10 -22.08 40.28
C MET C 212 -27.47 -21.42 40.29
N ALA C 213 -28.21 -21.47 39.18
CA ALA C 213 -29.61 -21.07 39.18
C ALA C 213 -30.50 -22.16 39.76
N GLU C 214 -30.24 -23.43 39.38
CA GLU C 214 -30.95 -24.54 40.01
C GLU C 214 -30.57 -24.65 41.48
N GLU C 215 -29.31 -24.37 41.81
CA GLU C 215 -28.87 -24.42 43.19
C GLU C 215 -29.62 -23.39 44.04
N LYS C 216 -29.85 -22.19 43.50
CA LYS C 216 -30.45 -21.12 44.28
C LYS C 216 -31.95 -21.28 44.42
N ALA C 217 -32.61 -21.95 43.46
CA ALA C 217 -34.04 -22.22 43.60
C ALA C 217 -34.32 -23.24 44.69
N LYS C 218 -33.32 -24.01 45.11
CA LYS C 218 -33.45 -24.89 46.26
C LYS C 218 -32.84 -24.31 47.52
N ASN C 219 -31.78 -23.49 47.41
CA ASN C 219 -31.12 -22.87 48.55
C ASN C 219 -31.20 -21.35 48.41
N PRO C 220 -32.36 -20.75 48.69
CA PRO C 220 -32.47 -19.29 48.61
C PRO C 220 -31.64 -18.61 49.70
N ALA C 221 -31.43 -17.32 49.50
CA ALA C 221 -30.68 -16.48 50.44
C ALA C 221 -30.91 -15.03 50.03
N ASP C 222 -30.44 -14.11 50.87
CA ASP C 222 -30.50 -12.69 50.54
C ASP C 222 -29.28 -12.27 49.74
N ASP C 223 -29.07 -12.96 48.61
CA ASP C 223 -28.10 -12.55 47.62
C ASP C 223 -28.84 -12.05 46.39
N ILE C 224 -28.08 -11.75 45.33
CA ILE C 224 -28.69 -11.13 44.16
C ILE C 224 -29.16 -12.16 43.14
N VAL C 225 -28.52 -13.33 43.06
CA VAL C 225 -28.95 -14.36 42.12
C VAL C 225 -30.34 -14.87 42.48
N THR C 226 -30.62 -15.02 43.78
CA THR C 226 -31.98 -15.36 44.19
C THR C 226 -32.97 -14.28 43.78
N GLN C 227 -32.54 -13.01 43.79
CA GLN C 227 -33.45 -11.92 43.45
C GLN C 227 -33.97 -12.03 42.02
N LEU C 228 -33.22 -12.69 41.14
CA LEU C 228 -33.59 -12.79 39.74
C LEU C 228 -34.31 -14.09 39.39
N ILE C 229 -34.06 -15.17 40.13
CA ILE C 229 -34.73 -16.44 39.85
C ILE C 229 -36.08 -16.54 40.57
N GLN C 230 -36.30 -15.79 41.64
CA GLN C 230 -37.57 -15.77 42.34
C GLN C 230 -38.42 -14.60 41.84
N ALA C 231 -39.73 -14.84 41.78
CA ALA C 231 -40.65 -13.85 41.23
C ALA C 231 -40.90 -12.72 42.22
N ASP C 232 -41.18 -11.53 41.68
CA ASP C 232 -41.52 -10.37 42.49
C ASP C 232 -43.03 -10.37 42.75
N ILE C 233 -43.54 -9.26 43.30
CA ILE C 233 -44.99 -9.13 43.48
C ILE C 233 -45.71 -9.03 42.14
N ASP C 234 -45.00 -8.61 41.08
CA ASP C 234 -45.56 -8.55 39.74
C ASP C 234 -45.55 -9.89 39.02
N GLY C 235 -45.04 -10.94 39.66
CA GLY C 235 -44.92 -12.23 39.01
C GLY C 235 -43.89 -12.28 37.90
N GLU C 236 -42.89 -11.40 37.95
CA GLU C 236 -41.87 -11.32 36.93
C GLU C 236 -40.56 -11.89 37.45
N LYS C 237 -39.83 -12.57 36.56
CA LYS C 237 -38.57 -13.21 36.92
C LYS C 237 -37.91 -13.69 35.64
N LEU C 238 -36.60 -13.91 35.72
CA LEU C 238 -35.86 -14.47 34.61
C LEU C 238 -36.08 -15.97 34.53
N SER C 239 -36.29 -16.46 33.31
CA SER C 239 -36.27 -17.91 33.12
C SER C 239 -34.84 -18.42 33.28
N ASP C 240 -34.71 -19.74 33.38
CA ASP C 240 -33.37 -20.30 33.55
C ASP C 240 -32.46 -19.97 32.37
N ASP C 241 -33.01 -19.91 31.16
CA ASP C 241 -32.22 -19.50 30.01
C ASP C 241 -31.76 -18.05 30.13
N GLU C 242 -32.69 -17.15 30.50
CA GLU C 242 -32.36 -15.73 30.56
C GLU C 242 -31.32 -15.44 31.64
N PHE C 243 -31.33 -16.20 32.74
CA PHE C 243 -30.27 -16.04 33.72
C PHE C 243 -28.91 -16.37 33.12
N GLY C 244 -28.83 -17.47 32.37
CA GLY C 244 -27.58 -17.83 31.71
C GLY C 244 -27.07 -16.71 30.81
N PHE C 245 -27.95 -16.16 29.97
CA PHE C 245 -27.55 -15.05 29.11
C PHE C 245 -27.25 -13.78 29.89
N PHE C 246 -27.82 -13.64 31.10
CA PHE C 246 -27.48 -12.51 31.95
C PHE C 246 -26.07 -12.66 32.51
N VAL C 247 -25.69 -13.87 32.92
CA VAL C 247 -24.33 -14.09 33.41
C VAL C 247 -23.33 -13.98 32.27
N VAL C 248 -23.69 -14.43 31.07
CA VAL C 248 -22.79 -14.28 29.93
C VAL C 248 -22.54 -12.81 29.66
N MET C 249 -23.62 -12.03 29.51
CA MET C 249 -23.48 -10.60 29.22
C MET C 249 -22.86 -9.84 30.38
N LEU C 250 -23.07 -10.30 31.61
CA LEU C 250 -22.40 -9.68 32.75
C LEU C 250 -20.91 -10.02 32.76
N ALA C 251 -20.56 -11.29 32.50
CA ALA C 251 -19.15 -11.71 32.54
C ALA C 251 -18.31 -10.92 31.55
N VAL C 252 -18.91 -10.47 30.46
CA VAL C 252 -18.17 -9.65 29.51
C VAL C 252 -18.24 -8.17 29.88
N ALA C 253 -19.42 -7.69 30.31
CA ALA C 253 -19.62 -6.27 30.51
C ALA C 253 -18.78 -5.75 31.67
N GLY C 254 -18.82 -6.44 32.80
CA GLY C 254 -18.10 -5.97 33.96
C GLY C 254 -16.62 -6.27 33.98
N ASN C 255 -16.04 -6.67 32.86
CA ASN C 255 -14.69 -7.20 32.84
C ASN C 255 -13.69 -6.28 32.15
N GLU C 256 -13.66 -6.33 30.82
CA GLU C 256 -12.59 -5.67 30.08
C GLU C 256 -12.73 -4.15 30.09
N THR C 257 -13.95 -3.61 30.06
CA THR C 257 -14.11 -2.16 30.01
C THR C 257 -13.56 -1.50 31.27
N THR C 258 -13.97 -2.00 32.45
CA THR C 258 -13.44 -1.43 33.68
C THR C 258 -11.93 -1.62 33.76
N ARG C 259 -11.44 -2.81 33.39
CA ARG C 259 -9.99 -3.04 33.35
C ARG C 259 -9.28 -1.99 32.52
N ASN C 260 -9.83 -1.64 31.35
CA ASN C 260 -9.19 -0.66 30.49
C ASN C 260 -9.31 0.75 31.04
N SER C 261 -10.41 1.06 31.71
CA SER C 261 -10.52 2.37 32.35
C SER C 261 -9.46 2.54 33.44
N ILE C 262 -9.11 1.46 34.14
CA ILE C 262 -8.08 1.54 35.18
C ILE C 262 -6.70 1.69 34.55
N THR C 263 -6.39 0.85 33.56
CA THR C 263 -5.09 0.93 32.88
C THR C 263 -4.89 2.29 32.25
N GLN C 264 -5.89 2.77 31.50
CA GLN C 264 -5.77 4.04 30.82
C GLN C 264 -5.95 5.23 31.75
N GLY C 265 -6.66 5.06 32.87
CA GLY C 265 -6.70 6.11 33.88
C GLY C 265 -5.34 6.36 34.48
N MET C 266 -4.55 5.29 34.65
CA MET C 266 -3.17 5.44 35.11
C MET C 266 -2.27 6.03 34.04
N MET C 267 -2.53 5.72 32.77
CA MET C 267 -1.78 6.35 31.70
C MET C 267 -2.01 7.85 31.69
N ALA C 268 -3.27 8.28 31.85
CA ALA C 268 -3.55 9.71 31.88
C ALA C 268 -2.91 10.39 33.08
N PHE C 269 -2.90 9.71 34.23
CA PHE C 269 -2.21 10.24 35.40
C PHE C 269 -0.70 10.28 35.20
N ALA C 270 -0.15 9.33 34.43
CA ALA C 270 1.28 9.31 34.15
C ALA C 270 1.72 10.40 33.17
N GLU C 271 0.88 10.75 32.20
CA GLU C 271 1.20 11.85 31.29
C GLU C 271 0.83 13.21 31.87
N HIS C 272 -0.05 13.25 32.88
CA HIS C 272 -0.47 14.49 33.53
C HIS C 272 -0.14 14.39 35.02
N PRO C 273 1.13 14.51 35.39
CA PRO C 273 1.47 14.45 36.82
C PRO C 273 0.83 15.54 37.64
N ASP C 274 0.43 16.65 36.99
CA ASP C 274 -0.37 17.67 37.68
C ASP C 274 -1.65 17.09 38.25
N GLN C 275 -2.32 16.22 37.49
CA GLN C 275 -3.58 15.64 37.95
C GLN C 275 -3.38 14.48 38.91
N TRP C 276 -2.24 13.79 38.84
CA TRP C 276 -1.99 12.66 39.73
C TRP C 276 -1.76 13.14 41.16
N GLU C 277 -0.93 14.17 41.33
CA GLU C 277 -0.72 14.72 42.67
C GLU C 277 -2.02 15.28 43.23
N LEU C 278 -2.85 15.87 42.37
CA LEU C 278 -4.13 16.39 42.83
C LEU C 278 -5.06 15.26 43.28
N TYR C 279 -5.03 14.12 42.58
CA TYR C 279 -5.88 13.01 42.97
C TYR C 279 -5.43 12.42 44.30
N LYS C 280 -4.12 12.17 44.45
CA LYS C 280 -3.58 11.59 45.68
C LYS C 280 -3.86 12.46 46.89
N LYS C 281 -4.10 13.75 46.68
CA LYS C 281 -4.27 14.71 47.76
C LYS C 281 -5.73 14.89 48.16
N VAL C 282 -6.64 14.96 47.21
CA VAL C 282 -8.04 15.29 47.50
C VAL C 282 -9.01 14.17 47.14
N ARG C 283 -8.59 13.16 46.36
CA ARG C 283 -9.41 12.00 46.01
C ARG C 283 -10.83 12.42 45.60
N PRO C 284 -10.99 13.20 44.54
CA PRO C 284 -12.31 13.71 44.20
C PRO C 284 -13.19 12.66 43.55
N GLU C 285 -14.49 12.76 43.83
CA GLU C 285 -15.43 11.81 43.27
C GLU C 285 -15.61 11.98 41.77
N THR C 286 -15.34 13.17 41.24
CA THR C 286 -15.45 13.42 39.82
C THR C 286 -14.35 12.74 39.01
N ALA C 287 -13.31 12.21 39.66
CA ALA C 287 -12.20 11.61 38.91
C ALA C 287 -12.65 10.40 38.11
N ALA C 288 -13.57 9.60 38.66
CA ALA C 288 -14.02 8.39 37.99
C ALA C 288 -14.64 8.72 36.63
N ASP C 289 -15.38 9.82 36.53
CA ASP C 289 -16.05 10.14 35.28
C ASP C 289 -15.08 10.66 34.22
N GLU C 290 -14.12 11.49 34.63
CA GLU C 290 -13.12 11.96 33.68
C GLU C 290 -12.20 10.83 33.23
N ILE C 291 -11.86 9.91 34.14
CA ILE C 291 -11.08 8.73 33.76
C ILE C 291 -11.83 7.92 32.71
N VAL C 292 -13.15 7.77 32.87
CA VAL C 292 -13.93 7.02 31.89
C VAL C 292 -13.99 7.77 30.57
N ARG C 293 -14.15 9.09 30.62
CA ARG C 293 -14.16 9.88 29.38
C ARG C 293 -12.81 9.79 28.68
N TRP C 294 -11.71 9.94 29.43
CA TRP C 294 -10.39 9.89 28.82
C TRP C 294 -10.07 8.49 28.31
N ALA C 295 -10.58 7.45 28.96
CA ALA C 295 -10.29 6.08 28.56
C ALA C 295 -11.22 5.61 27.47
N THR C 296 -12.52 5.98 27.55
CA THR C 296 -13.59 5.55 26.65
C THR C 296 -13.42 4.07 26.29
N PRO C 297 -13.59 3.15 27.26
CA PRO C 297 -13.29 1.73 26.99
C PRO C 297 -14.02 1.16 25.78
N VAL C 298 -15.25 1.57 25.52
CA VAL C 298 -15.96 1.18 24.31
C VAL C 298 -15.81 2.32 23.32
N THR C 299 -15.03 2.08 22.26
CA THR C 299 -14.80 3.08 21.23
C THR C 299 -16.08 3.38 20.46
N ALA C 300 -16.85 2.34 20.13
CA ALA C 300 -18.00 2.51 19.26
C ALA C 300 -19.01 1.41 19.47
N PHE C 301 -20.27 1.79 19.52
CA PHE C 301 -21.41 0.88 19.45
C PHE C 301 -22.33 1.37 18.34
N GLN C 302 -23.00 0.44 17.68
CA GLN C 302 -23.78 0.74 16.49
C GLN C 302 -25.27 0.58 16.73
N ARG C 303 -26.05 1.14 15.81
CA ARG C 303 -27.49 0.91 15.73
C ARG C 303 -27.87 0.82 14.26
N THR C 304 -29.07 0.31 14.01
CA THR C 304 -29.62 0.22 12.67
C THR C 304 -30.89 1.06 12.58
N ALA C 305 -31.02 1.82 11.51
CA ALA C 305 -32.18 2.68 11.34
C ALA C 305 -33.41 1.81 11.05
N LEU C 306 -34.42 1.88 11.93
CA LEU C 306 -35.67 1.17 11.70
C LEU C 306 -36.58 1.87 10.73
N ARG C 307 -36.25 3.10 10.35
CA ARG C 307 -36.93 3.81 9.26
C ARG C 307 -36.15 5.07 8.96
N ASP C 308 -36.53 5.74 7.88
CA ASP C 308 -35.79 6.91 7.45
C ASP C 308 -35.86 8.01 8.50
N TYR C 309 -34.70 8.58 8.85
CA TYR C 309 -34.58 9.53 9.94
C TYR C 309 -33.63 10.64 9.54
N GLU C 310 -34.01 11.88 9.89
CA GLU C 310 -33.19 13.04 9.60
C GLU C 310 -32.31 13.33 10.81
N LEU C 311 -31.00 13.25 10.61
CA LEU C 311 -30.02 13.39 11.69
C LEU C 311 -29.11 14.56 11.38
N SER C 312 -29.31 15.68 12.08
CA SER C 312 -28.43 16.84 11.98
C SER C 312 -28.24 17.29 10.54
N GLY C 313 -29.33 17.27 9.77
CA GLY C 313 -29.29 17.64 8.38
C GLY C 313 -28.82 16.55 7.43
N VAL C 314 -28.66 15.32 7.91
CA VAL C 314 -28.26 14.20 7.07
C VAL C 314 -29.38 13.18 7.05
N GLN C 315 -29.64 12.59 5.89
CA GLN C 315 -30.73 11.64 5.71
C GLN C 315 -30.20 10.24 5.98
N ILE C 316 -30.65 9.64 7.08
CA ILE C 316 -30.35 8.24 7.40
C ILE C 316 -31.46 7.39 6.81
N LYS C 317 -31.09 6.40 6.00
CA LYS C 317 -32.07 5.56 5.34
C LYS C 317 -32.34 4.29 6.15
N LYS C 318 -33.47 3.65 5.83
CA LYS C 318 -33.85 2.41 6.51
C LYS C 318 -32.80 1.33 6.29
N GLY C 319 -32.62 0.49 7.31
CA GLY C 319 -31.66 -0.60 7.26
C GLY C 319 -30.20 -0.21 7.32
N GLN C 320 -29.89 1.09 7.29
CA GLN C 320 -28.51 1.55 7.33
C GLN C 320 -27.99 1.56 8.76
N ARG C 321 -26.69 1.29 8.91
CA ARG C 321 -26.05 1.29 10.21
C ARG C 321 -25.49 2.67 10.53
N VAL C 322 -25.73 3.13 11.75
CA VAL C 322 -25.03 4.28 12.31
C VAL C 322 -24.14 3.77 13.43
N VAL C 323 -22.91 4.28 13.48
CA VAL C 323 -21.93 3.85 14.47
C VAL C 323 -21.56 5.05 15.32
N MET C 324 -22.02 5.06 16.57
CA MET C 324 -21.68 6.14 17.50
C MET C 324 -20.25 5.93 17.99
N PHE C 325 -19.36 6.85 17.64
CA PHE C 325 -17.97 6.78 18.08
C PHE C 325 -17.84 7.62 19.34
N TYR C 326 -17.98 6.95 20.49
CA TYR C 326 -17.83 7.64 21.77
C TYR C 326 -16.45 8.25 21.93
N ARG C 327 -15.44 7.66 21.29
CA ARG C 327 -14.08 8.18 21.38
C ARG C 327 -14.00 9.58 20.77
N SER C 328 -14.74 9.81 19.68
CA SER C 328 -14.83 11.16 19.14
C SER C 328 -15.76 12.04 19.98
N ALA C 329 -16.93 11.51 20.35
CA ALA C 329 -17.91 12.31 21.09
C ALA C 329 -17.35 12.80 22.42
N ASN C 330 -16.54 11.99 23.09
CA ASN C 330 -15.98 12.36 24.38
C ASN C 330 -14.90 13.43 24.27
N PHE C 331 -14.59 13.88 23.06
CA PHE C 331 -13.66 14.97 22.85
C PHE C 331 -14.26 16.05 21.95
N ASP C 332 -15.59 16.13 21.92
CA ASP C 332 -16.29 17.14 21.14
C ASP C 332 -15.88 18.54 21.59
N GLU C 333 -15.32 19.32 20.66
CA GLU C 333 -14.80 20.63 21.00
C GLU C 333 -15.90 21.65 21.27
N GLU C 334 -17.13 21.40 20.80
CA GLU C 334 -18.24 22.30 21.05
C GLU C 334 -19.01 21.96 22.32
N VAL C 335 -18.62 20.90 23.02
CA VAL C 335 -19.35 20.44 24.20
C VAL C 335 -18.46 20.54 25.41
N PHE C 336 -17.17 20.26 25.23
CA PHE C 336 -16.24 20.19 26.36
C PHE C 336 -15.31 21.40 26.48
N GLN C 337 -15.20 22.24 25.46
CA GLN C 337 -14.35 23.44 25.51
C GLN C 337 -12.86 23.11 25.61
N ASP C 338 -12.46 22.28 26.57
CA ASP C 338 -11.07 21.80 26.70
C ASP C 338 -11.07 20.27 26.65
N PRO C 339 -11.36 19.70 25.48
CA PRO C 339 -11.53 18.23 25.43
C PRO C 339 -10.25 17.46 25.66
N PHE C 340 -9.12 17.98 25.21
CA PHE C 340 -7.84 17.29 25.35
C PHE C 340 -7.15 17.58 26.68
N THR C 341 -7.84 18.25 27.59
CA THR C 341 -7.35 18.49 28.93
C THR C 341 -7.86 17.37 29.85
N PHE C 342 -6.95 16.77 30.61
CA PHE C 342 -7.32 15.84 31.65
C PHE C 342 -7.58 16.63 32.92
N ASN C 343 -8.81 16.53 33.44
CA ASN C 343 -9.23 17.33 34.60
C ASN C 343 -10.16 16.48 35.45
N ILE C 344 -9.63 15.91 36.53
CA ILE C 344 -10.44 15.05 37.40
C ILE C 344 -11.41 15.84 38.27
N LEU C 345 -11.40 17.17 38.19
CA LEU C 345 -12.42 17.99 38.82
C LEU C 345 -13.52 18.40 37.85
N ARG C 346 -13.53 17.83 36.64
CA ARG C 346 -14.46 18.27 35.59
C ARG C 346 -15.90 18.14 36.04
N ASN C 347 -16.65 19.23 35.94
CA ASN C 347 -18.01 19.29 36.46
C ASN C 347 -18.78 20.43 35.80
N PRO C 348 -19.88 20.13 35.09
CA PRO C 348 -20.38 18.78 34.85
C PRO C 348 -19.62 18.07 33.74
N ASN C 349 -19.85 16.77 33.59
CA ASN C 349 -19.14 15.92 32.64
C ASN C 349 -20.16 15.13 31.82
N PRO C 350 -20.65 15.70 30.72
CA PRO C 350 -21.66 15.00 29.92
C PRO C 350 -21.09 13.94 28.99
N HIS C 351 -20.01 13.27 29.41
CA HIS C 351 -19.36 12.28 28.57
C HIS C 351 -20.28 11.10 28.30
N VAL C 352 -20.07 10.47 27.15
CA VAL C 352 -20.87 9.32 26.74
C VAL C 352 -20.09 8.02 26.88
N GLY C 353 -19.05 8.00 27.73
CA GLY C 353 -18.29 6.79 27.94
C GLY C 353 -19.15 5.60 28.35
N PHE C 354 -20.20 5.86 29.15
CA PHE C 354 -21.17 4.84 29.50
C PHE C 354 -22.32 4.78 28.50
N GLY C 355 -22.11 5.30 27.30
CA GLY C 355 -23.15 5.35 26.28
C GLY C 355 -23.97 6.62 26.34
N GLY C 356 -24.79 6.79 25.31
CA GLY C 356 -25.74 7.89 25.31
C GLY C 356 -26.89 7.61 26.26
N THR C 357 -27.41 8.69 26.84
CA THR C 357 -28.56 8.58 27.73
C THR C 357 -29.74 8.00 26.97
N GLY C 358 -30.36 6.99 27.56
CA GLY C 358 -31.45 6.29 26.89
C GLY C 358 -31.73 4.97 27.56
N ALA C 359 -32.50 4.14 26.87
CA ALA C 359 -32.91 2.86 27.43
C ALA C 359 -31.73 1.91 27.61
N HIS C 360 -30.68 2.07 26.80
CA HIS C 360 -29.54 1.16 26.83
C HIS C 360 -28.36 1.72 27.60
N TYR C 361 -28.55 2.79 28.37
CA TYR C 361 -27.46 3.34 29.17
C TYR C 361 -26.91 2.27 30.12
N CYS C 362 -25.61 2.36 30.40
CA CYS C 362 -24.94 1.28 31.12
C CYS C 362 -25.53 1.10 32.50
N ILE C 363 -25.93 -0.13 32.83
CA ILE C 363 -26.60 -0.39 34.10
C ILE C 363 -25.59 -0.46 35.24
N GLY C 364 -24.34 -0.79 34.94
CA GLY C 364 -23.32 -0.95 35.96
C GLY C 364 -22.36 0.21 36.04
N ALA C 365 -22.82 1.39 35.60
CA ALA C 365 -21.99 2.58 35.63
C ALA C 365 -21.52 2.90 37.04
N ASN C 366 -22.41 2.83 38.03
CA ASN C 366 -21.99 3.09 39.41
C ASN C 366 -21.11 1.98 39.94
N LEU C 367 -21.37 0.73 39.53
CA LEU C 367 -20.51 -0.38 39.90
C LEU C 367 -19.09 -0.18 39.37
N ALA C 368 -18.97 0.34 38.14
CA ALA C 368 -17.66 0.59 37.57
C ALA C 368 -16.98 1.77 38.26
N ARG C 369 -17.72 2.84 38.53
CA ARG C 369 -17.14 4.02 39.16
C ARG C 369 -16.56 3.67 40.53
N MET C 370 -17.26 2.82 41.30
CA MET C 370 -16.71 2.37 42.58
C MET C 370 -15.46 1.53 42.37
N THR C 371 -15.49 0.62 41.40
CA THR C 371 -14.31 -0.17 41.07
C THR C 371 -13.12 0.73 40.75
N ILE C 372 -13.35 1.76 39.93
CA ILE C 372 -12.29 2.72 39.60
C ILE C 372 -11.84 3.45 40.86
N ASN C 373 -12.79 4.00 41.62
CA ASN C 373 -12.43 4.79 42.80
C ASN C 373 -11.68 3.96 43.82
N LEU C 374 -12.10 2.71 44.04
CA LEU C 374 -11.43 1.88 45.03
C LEU C 374 -10.00 1.55 44.60
N ILE C 375 -9.82 1.14 43.33
CA ILE C 375 -8.50 0.70 42.90
C ILE C 375 -7.52 1.87 42.89
N PHE C 376 -8.00 3.09 42.58
CA PHE C 376 -7.11 4.23 42.48
C PHE C 376 -6.76 4.80 43.85
N ASN C 377 -7.72 4.80 44.79
CA ASN C 377 -7.38 5.03 46.18
C ASN C 377 -6.30 4.04 46.64
N ALA C 378 -6.44 2.77 46.28
CA ALA C 378 -5.47 1.76 46.68
C ALA C 378 -4.11 2.03 46.03
N VAL C 379 -4.10 2.33 44.72
CA VAL C 379 -2.87 2.71 44.04
C VAL C 379 -2.24 3.92 44.72
N ALA C 380 -3.05 4.95 45.02
CA ALA C 380 -2.51 6.16 45.65
C ALA C 380 -1.98 5.92 47.06
N ASP C 381 -2.46 4.89 47.75
CA ASP C 381 -1.98 4.61 49.10
C ASP C 381 -0.69 3.78 49.09
N HIS C 382 -0.58 2.83 48.17
CA HIS C 382 0.49 1.83 48.23
C HIS C 382 1.59 2.03 47.19
N MET C 383 1.39 2.88 46.19
CA MET C 383 2.41 3.15 45.17
C MET C 383 2.17 4.54 44.60
N PRO C 384 2.42 5.59 45.39
CA PRO C 384 2.14 6.95 44.92
C PRO C 384 3.12 7.46 43.87
N ASP C 385 4.31 6.87 43.78
CA ASP C 385 5.32 7.29 42.79
C ASP C 385 5.38 6.34 41.62
N LEU C 386 4.23 5.79 41.22
CA LEU C 386 4.16 4.92 40.05
C LEU C 386 4.76 5.62 38.83
N LYS C 387 5.56 4.87 38.07
CA LYS C 387 6.27 5.40 36.92
C LYS C 387 6.20 4.33 35.84
N PRO C 388 5.81 4.69 34.61
CA PRO C 388 5.82 3.72 33.53
C PRO C 388 7.25 3.35 33.12
N ILE C 389 7.42 2.11 32.67
CA ILE C 389 8.70 1.63 32.18
C ILE C 389 8.79 1.73 30.66
N SER C 390 7.77 1.25 29.95
CA SER C 390 7.77 1.28 28.49
C SER C 390 6.35 1.56 27.99
N ALA C 391 6.22 1.63 26.66
CA ALA C 391 4.95 1.95 26.05
C ALA C 391 3.95 0.81 26.27
N PRO C 392 2.66 1.11 26.30
CA PRO C 392 1.65 0.05 26.44
C PRO C 392 1.38 -0.66 25.11
N GLU C 393 0.93 -1.90 25.23
CA GLU C 393 0.54 -2.71 24.08
C GLU C 393 -0.98 -2.65 23.92
N ARG C 394 -1.43 -2.17 22.77
CA ARG C 394 -2.86 -2.01 22.53
C ARG C 394 -3.48 -3.29 21.94
N LEU C 395 -4.78 -3.44 22.14
CA LEU C 395 -5.53 -4.59 21.67
C LEU C 395 -6.07 -4.37 20.26
N ARG C 396 -6.11 -5.45 19.48
CA ARG C 396 -6.63 -5.40 18.12
C ARG C 396 -8.14 -5.63 18.17
N SER C 397 -8.90 -4.58 17.88
CA SER C 397 -10.36 -4.62 17.90
C SER C 397 -10.86 -3.40 17.15
N GLY C 398 -12.07 -3.52 16.62
CA GLY C 398 -12.71 -2.45 15.90
C GLY C 398 -13.74 -1.71 16.70
N TRP C 399 -13.83 -1.96 18.01
CA TRP C 399 -14.87 -1.33 18.82
C TRP C 399 -14.45 -1.23 20.29
N LEU C 400 -13.45 -2.01 20.70
CA LEU C 400 -13.01 -2.05 22.09
C LEU C 400 -11.63 -1.43 22.20
N ASN C 401 -11.50 -0.38 23.02
CA ASN C 401 -10.21 0.22 23.33
C ASN C 401 -9.59 -0.55 24.49
N GLY C 402 -8.56 -1.34 24.19
CA GLY C 402 -7.96 -2.21 25.19
C GLY C 402 -6.46 -2.05 25.25
N ILE C 403 -5.93 -2.23 26.46
CA ILE C 403 -4.49 -2.28 26.70
C ILE C 403 -4.18 -3.67 27.21
N LYS C 404 -3.39 -4.43 26.45
CA LYS C 404 -3.09 -5.81 26.82
C LYS C 404 -2.05 -5.87 27.94
N HIS C 405 -0.95 -5.13 27.80
CA HIS C 405 0.07 -5.08 28.84
C HIS C 405 0.62 -3.66 28.94
N TRP C 406 1.08 -3.31 30.14
CA TRP C 406 1.72 -2.00 30.38
C TRP C 406 2.74 -2.19 31.51
N GLN C 407 4.02 -2.21 31.15
CA GLN C 407 5.08 -2.42 32.14
C GLN C 407 5.32 -1.13 32.93
N VAL C 408 5.15 -1.21 34.25
CA VAL C 408 5.28 -0.03 35.11
C VAL C 408 6.23 -0.31 36.27
N ASP C 409 6.83 0.75 36.78
CA ASP C 409 7.66 0.72 37.97
C ASP C 409 6.82 1.24 39.14
N TYR C 410 6.38 0.32 40.01
CA TYR C 410 5.54 0.73 41.14
C TYR C 410 6.33 1.51 42.19
N THR C 411 7.61 1.20 42.37
CA THR C 411 8.39 1.81 43.44
C THR C 411 8.83 3.23 43.12
N GLY C 412 8.91 3.59 41.83
CA GLY C 412 9.36 4.92 41.43
C GLY C 412 10.86 5.11 41.42
#